data_8SAH
#
_entry.id   8SAH
#
_cell.length_a   1.00
_cell.length_b   1.00
_cell.length_c   1.00
_cell.angle_alpha   90.00
_cell.angle_beta   90.00
_cell.angle_gamma   90.00
#
_symmetry.space_group_name_H-M   'P 1'
#
loop_
_entity.id
_entity.type
_entity.pdbx_description
1 polymer Huntingtin
2 polymer '40-kDa huntingtin-associated protein'
#
loop_
_entity_poly.entity_id
_entity_poly.type
_entity_poly.pdbx_seq_one_letter_code
_entity_poly.pdbx_strand_id
1 'polypeptide(L)'
;MVSPDKDWYVHLVKSQCWTRSDSALLEGAELVNRIPAEDMNAFMMNSEFNLSLLAPCLSLGMSEISGGQKSALFEAAREV
TLARVSGTVQQLPAVHHVFQPELPAEPAAYWSKLNDLFGDAALYQSLPTLARALAQYLVVVSKLPSHLHLPPEKEKDIVK
FVVATLEALSWHLIHEQIPLSLDLQAGLDCCCLALQLPGLWSVVSSTEFVTHACSLIHCVHFILEAVAVQPGEQLLSPER
RTNTPKAISEEEEEVDPNTQNPKYITAACEMVAEMVESLQSVLALGHKRNSGVPAFLTPLLRNIIISLARLPLVNSYTRV
PPLVWKLGWSPKPGGDFGTAFPEIPVEFLQEKEVFKEFIYRINTLGWTSRTQFEETWATLLGVLVTQPLVMEQEESPPEE
DTERTQINVLAVQAITSLVLSAMTVPVAGNPAVSCLEQQPRNKPLKALDTRFGRKLSIIRGIVEQEIQAMVSKRENIATH
HLYQAWDPVPSLSPATTGALISHEKLLLQINPERELGSMSYKLGQVSIHSVWLGNSITPLREEEWDEEEEEEADAPAPSS
PPTSPVNSRKHRAGVDIHSCSQFLLELYSRWILPSSSARRTPAILISEVVRSLLVVSDLFTERNQFELMYVTLTELRRVH
PSEDEILAQYLVPATCKAAAVLGMDKAVAEPVSRLLESTLRSSHLPSRVGALHGILYVLECDLLDDTAKQLIPVISDYLL
SNLKGIAHCVNIHSQQHVLVMCATAFYLIENYPLDVGPEFSASIIQMCGVMLSGSEESTPSIIYHCALRGLERLLLSEQL
SRLDAESLVKLSVDRVNVHSPHRAMAALGLMLTCMYTGKEKVSPGRTSDPNPAAPDSESVIVAMERVSVLFDRIRKGFPC
EARVVARILPQFLDDFFPPQDIMNKVIGEFLSNQQPYPQFMATVVYKVFQTLHSTGQSSMVRDWVMLSLSNFTQRAPVAM
ATWSLSCFFVSASTSPWVAAILPHVISRMGKLEQVDVNLFCLVATDFYRHQIEEELDRRAFQSVLEVVAAPGSPYHRLLT
CLRNVGGSGDYKDDDDK
;
A
2 'polypeptide(L)'
;MHHHHHHSSGRENLYFQGMAAAAAGLGGGGAGPGPEAGDFLARYRLVSNKLKKRFLRKPNVAEAGEQFGQLGRELRAQEC
LPYAAWCQLAVARCQQALFHGPGEALALTEAARLFLRQERDARQRLVCPAAYGEPLQAAASALGAAVRLHLELGQPAAAA
ALCLELAAALRDLGQPAAAAGHFQRAAQLQLPQLPLAALQALGEAASCQLLARDYTGALAVFTRMQRLAREHGSHPVQSL
PPPPPPAPQPGPGATPALPAALLPPNSGSAAPSPAALGAFSDVLVRCEVSRVLLLLLLQPPPAKLLPEHAQTLEKYSWEA
FDSHGQESSGQLPEELFLLLQSLVMATHEKDTEAIKSLQVEMWPLLTAEQNHLLHLVLQETISPSGQGV
;
B
#
# COMPACT_ATOMS: atom_id res chain seq x y z
N VAL A 2 22.62 42.46 -6.93
CA VAL A 2 23.32 41.19 -6.85
C VAL A 2 23.16 40.42 -8.15
N SER A 3 24.17 39.62 -8.50
CA SER A 3 24.10 38.76 -9.66
C SER A 3 23.56 37.41 -9.25
N PRO A 4 22.34 37.04 -9.66
CA PRO A 4 21.81 35.74 -9.29
C PRO A 4 22.46 34.62 -10.09
N ASP A 5 23.58 34.11 -9.60
CA ASP A 5 24.39 33.14 -10.32
C ASP A 5 24.58 31.89 -9.47
N LYS A 6 25.49 31.02 -9.92
CA LYS A 6 25.72 29.74 -9.25
C LYS A 6 26.05 29.92 -7.78
N ASP A 7 26.89 30.90 -7.46
CA ASP A 7 27.33 31.06 -6.07
C ASP A 7 26.23 31.67 -5.20
N TRP A 8 25.49 32.64 -5.73
CA TRP A 8 24.32 33.13 -5.01
C TRP A 8 23.34 32.00 -4.76
N TYR A 9 23.11 31.16 -5.78
CA TYR A 9 22.21 30.03 -5.60
C TYR A 9 22.70 29.11 -4.51
N VAL A 10 23.98 28.74 -4.54
CA VAL A 10 24.51 27.80 -3.57
C VAL A 10 24.43 28.37 -2.16
N HIS A 11 24.67 29.66 -2.02
CA HIS A 11 24.50 30.30 -0.72
C HIS A 11 23.04 30.22 -0.26
N LEU A 12 22.11 30.46 -1.17
CA LEU A 12 20.70 30.35 -0.83
C LEU A 12 20.32 28.92 -0.46
N VAL A 13 20.98 27.93 -1.07
CA VAL A 13 20.72 26.54 -0.73
C VAL A 13 21.25 26.22 0.65
N LYS A 14 22.47 26.67 0.96
CA LYS A 14 23.01 26.48 2.29
C LYS A 14 22.13 27.12 3.35
N SER A 15 21.48 28.23 3.00
CA SER A 15 20.62 28.90 3.97
C SER A 15 19.46 28.04 4.43
N GLN A 16 19.05 27.04 3.66
CA GLN A 16 17.90 26.22 4.02
C GLN A 16 18.24 24.76 4.26
N CYS A 17 19.30 24.24 3.66
CA CYS A 17 19.65 22.84 3.73
C CYS A 17 20.87 22.57 4.60
N TRP A 18 21.28 23.53 5.44
CA TRP A 18 22.36 23.32 6.38
C TRP A 18 21.93 23.63 7.81
N THR A 19 20.64 23.75 8.05
CA THR A 19 20.10 23.85 9.39
C THR A 19 19.77 22.45 9.88
N ARG A 20 19.00 22.34 10.98
CA ARG A 20 18.51 21.06 11.46
C ARG A 20 17.01 21.22 11.69
N SER A 21 16.22 21.01 10.64
CA SER A 21 14.79 21.26 10.69
C SER A 21 14.10 20.41 9.63
N ASP A 22 12.97 19.83 9.99
CA ASP A 22 12.21 18.95 9.10
C ASP A 22 10.96 19.63 8.55
N SER A 23 11.06 20.91 8.21
CA SER A 23 9.87 21.63 7.76
C SER A 23 9.55 21.35 6.29
N ALA A 24 10.51 21.59 5.41
CA ALA A 24 10.30 21.58 3.96
C ALA A 24 11.29 20.64 3.29
N LEU A 25 11.37 19.41 3.78
CA LEU A 25 12.39 18.47 3.32
C LEU A 25 12.29 18.20 1.82
N LEU A 26 11.06 18.11 1.29
CA LEU A 26 10.91 17.86 -0.14
C LEU A 26 11.51 18.99 -0.96
N GLU A 27 11.19 20.23 -0.60
CA GLU A 27 11.75 21.37 -1.29
C GLU A 27 13.25 21.49 -1.05
N GLY A 28 13.73 21.05 0.11
CA GLY A 28 15.17 21.00 0.31
C GLY A 28 15.84 20.03 -0.64
N ALA A 29 15.24 18.87 -0.85
CA ALA A 29 15.79 17.91 -1.81
C ALA A 29 15.77 18.47 -3.22
N GLU A 30 14.68 19.14 -3.58
CA GLU A 30 14.61 19.76 -4.90
C GLU A 30 15.64 20.88 -5.04
N LEU A 31 15.98 21.55 -3.94
CA LEU A 31 16.98 22.60 -4.03
C LEU A 31 18.38 22.04 -4.16
N VAL A 32 18.69 20.97 -3.43
CA VAL A 32 19.99 20.32 -3.60
C VAL A 32 20.10 19.65 -4.96
N ASN A 33 18.97 19.29 -5.57
CA ASN A 33 18.99 18.65 -6.87
C ASN A 33 19.68 19.53 -7.90
N ARG A 34 19.42 20.83 -7.86
CA ARG A 34 19.95 21.74 -8.88
C ARG A 34 21.38 22.16 -8.63
N ILE A 35 21.97 21.79 -7.49
CA ILE A 35 23.39 22.08 -7.28
C ILE A 35 24.20 21.39 -8.36
N PRO A 36 25.29 21.96 -8.85
CA PRO A 36 26.10 21.28 -9.86
C PRO A 36 26.45 19.86 -9.42
N ALA A 37 26.30 18.92 -10.35
CA ALA A 37 26.55 17.52 -10.03
C ALA A 37 27.98 17.28 -9.58
N GLU A 38 28.93 18.05 -10.10
CA GLU A 38 30.32 17.87 -9.71
C GLU A 38 30.59 18.37 -8.30
N ASP A 39 29.78 19.27 -7.77
CA ASP A 39 30.03 19.89 -6.49
C ASP A 39 28.86 19.64 -5.56
N MET A 40 28.35 18.41 -5.56
CA MET A 40 27.22 18.04 -4.73
C MET A 40 27.61 17.25 -3.49
N ASN A 41 28.62 16.38 -3.61
CA ASN A 41 28.99 15.53 -2.49
C ASN A 41 29.84 16.26 -1.46
N ALA A 42 30.57 17.29 -1.87
CA ALA A 42 31.18 18.17 -0.88
C ALA A 42 30.14 19.01 -0.15
N PHE A 43 28.91 19.07 -0.68
CA PHE A 43 27.81 19.80 -0.07
C PHE A 43 27.02 18.95 0.91
N MET A 44 26.94 17.65 0.67
CA MET A 44 26.18 16.77 1.56
C MET A 44 27.06 16.12 2.62
N MET A 45 28.35 15.95 2.34
CA MET A 45 29.28 15.40 3.32
C MET A 45 29.89 16.47 4.20
N ASN A 46 29.21 17.60 4.37
CA ASN A 46 29.65 18.68 5.23
C ASN A 46 28.92 18.57 6.57
N SER A 47 29.64 18.85 7.65
CA SER A 47 29.16 18.51 8.99
C SER A 47 27.86 19.20 9.35
N GLU A 48 27.51 20.30 8.68
CA GLU A 48 26.30 21.03 9.00
C GLU A 48 25.09 20.55 8.21
N PHE A 49 25.29 19.64 7.25
CA PHE A 49 24.21 19.26 6.35
C PHE A 49 23.06 18.63 7.14
N ASN A 50 21.84 19.04 6.82
CA ASN A 50 20.66 18.46 7.41
C ASN A 50 20.58 17.00 7.05
N LEU A 51 20.79 16.10 8.01
CA LEU A 51 20.74 14.68 7.71
C LEU A 51 19.32 14.19 7.48
N SER A 52 18.32 15.04 7.69
CA SER A 52 16.95 14.67 7.36
C SER A 52 16.64 14.82 5.88
N LEU A 53 17.58 15.33 5.09
CA LEU A 53 17.40 15.46 3.66
C LEU A 53 17.83 14.24 2.88
N LEU A 54 18.56 13.31 3.51
CA LEU A 54 19.04 12.14 2.80
C LEU A 54 17.92 11.21 2.39
N ALA A 55 16.78 11.24 3.06
CA ALA A 55 15.66 10.42 2.61
C ALA A 55 14.94 11.11 1.45
N PRO A 56 14.66 12.43 1.52
CA PRO A 56 14.10 13.08 0.33
C PRO A 56 15.05 13.10 -0.85
N CYS A 57 16.36 13.24 -0.62
CA CYS A 57 17.30 13.21 -1.73
C CYS A 57 17.34 11.84 -2.39
N LEU A 58 17.33 10.77 -1.60
CA LEU A 58 17.29 9.43 -2.17
C LEU A 58 15.98 9.18 -2.90
N SER A 59 14.87 9.67 -2.36
CA SER A 59 13.58 9.47 -3.03
C SER A 59 13.53 10.23 -4.35
N LEU A 60 14.01 11.46 -4.39
CA LEU A 60 14.02 12.23 -5.63
C LEU A 60 14.96 11.62 -6.65
N GLY A 61 16.16 11.20 -6.21
CA GLY A 61 17.06 10.53 -7.13
C GLY A 61 16.46 9.25 -7.69
N MET A 62 15.74 8.50 -6.86
CA MET A 62 15.13 7.28 -7.35
C MET A 62 14.01 7.57 -8.34
N SER A 63 13.20 8.59 -8.08
CA SER A 63 12.18 8.96 -9.04
C SER A 63 12.79 9.45 -10.33
N GLU A 64 14.00 10.01 -10.27
CA GLU A 64 14.69 10.38 -11.51
C GLU A 64 15.26 9.16 -12.23
N ILE A 65 15.67 8.15 -11.48
CA ILE A 65 16.20 6.92 -12.10
C ILE A 65 15.07 6.02 -12.57
N SER A 66 14.01 5.87 -11.77
CA SER A 66 12.84 5.13 -12.23
C SER A 66 12.25 5.74 -13.49
N GLY A 67 12.53 7.00 -13.76
CA GLY A 67 12.20 7.61 -15.04
C GLY A 67 13.20 7.32 -16.14
N GLY A 68 14.17 6.46 -15.89
CA GLY A 68 15.11 6.07 -16.91
C GLY A 68 16.37 6.90 -16.90
N GLN A 69 16.22 8.21 -16.70
CA GLN A 69 17.36 9.10 -16.70
C GLN A 69 18.29 8.81 -15.54
N LYS A 70 19.59 9.01 -15.78
CA LYS A 70 20.58 8.87 -14.72
C LYS A 70 20.46 10.02 -13.73
N SER A 71 20.54 9.69 -12.45
CA SER A 71 20.42 10.68 -11.38
C SER A 71 21.76 10.80 -10.67
N ALA A 72 22.25 12.03 -10.56
CA ALA A 72 23.49 12.30 -9.82
C ALA A 72 23.23 12.62 -8.36
N LEU A 73 22.08 13.22 -8.06
CA LEU A 73 21.72 13.43 -6.67
C LEU A 73 21.53 12.12 -5.94
N PHE A 74 21.00 11.10 -6.63
CA PHE A 74 20.87 9.80 -5.97
C PHE A 74 22.23 9.18 -5.70
N GLU A 75 23.16 9.27 -6.65
CA GLU A 75 24.51 8.79 -6.39
C GLU A 75 25.11 9.50 -5.18
N ALA A 76 24.92 10.82 -5.09
CA ALA A 76 25.48 11.56 -3.96
C ALA A 76 24.85 11.13 -2.65
N ALA A 77 23.51 11.05 -2.62
CA ALA A 77 22.84 10.68 -1.38
C ALA A 77 23.17 9.26 -0.96
N ARG A 78 23.38 8.35 -1.91
CA ARG A 78 23.79 7.00 -1.58
C ARG A 78 25.18 6.96 -1.00
N GLU A 79 26.13 7.65 -1.66
CA GLU A 79 27.49 7.71 -1.15
C GLU A 79 27.50 8.27 0.26
N VAL A 80 26.71 9.32 0.51
CA VAL A 80 26.73 9.95 1.81
C VAL A 80 26.06 9.07 2.87
N THR A 81 24.95 8.42 2.51
CA THR A 81 24.33 7.51 3.46
C THR A 81 25.29 6.42 3.88
N LEU A 82 25.98 5.80 2.92
CA LEU A 82 26.86 4.69 3.26
C LEU A 82 28.09 5.17 4.04
N ALA A 83 28.64 6.32 3.67
CA ALA A 83 29.79 6.85 4.42
C ALA A 83 29.38 7.22 5.83
N ARG A 84 28.20 7.80 6.01
CA ARG A 84 27.72 8.15 7.34
C ARG A 84 27.45 6.91 8.17
N VAL A 85 26.94 5.86 7.54
CA VAL A 85 26.67 4.62 8.28
C VAL A 85 27.98 3.98 8.74
N SER A 86 28.96 3.87 7.86
CA SER A 86 30.26 3.36 8.27
C SER A 86 30.86 4.22 9.37
N GLY A 87 30.73 5.54 9.26
CA GLY A 87 31.25 6.40 10.31
C GLY A 87 30.60 6.14 11.65
N THR A 88 29.27 6.24 11.72
CA THR A 88 28.57 6.03 12.98
C THR A 88 28.67 4.60 13.49
N VAL A 89 29.16 3.67 12.68
CA VAL A 89 29.42 2.34 13.19
C VAL A 89 30.86 2.20 13.68
N GLN A 90 31.79 3.01 13.18
CA GLN A 90 33.15 2.94 13.68
C GLN A 90 33.31 3.53 15.07
N GLN A 91 32.23 4.01 15.70
CA GLN A 91 32.33 4.54 17.05
C GLN A 91 31.94 3.54 18.12
N LEU A 92 31.14 2.54 17.77
CA LEU A 92 30.73 1.53 18.73
C LEU A 92 31.95 0.79 19.28
N PRO A 93 31.83 0.19 20.46
CA PRO A 93 32.97 -0.55 21.02
C PRO A 93 33.42 -1.67 20.10
N ALA A 94 34.64 -2.14 20.35
CA ALA A 94 35.24 -3.14 19.46
C ALA A 94 34.46 -4.44 19.49
N VAL A 95 34.38 -5.08 20.65
CA VAL A 95 33.68 -6.35 20.79
C VAL A 95 32.24 -6.07 21.17
N HIS A 96 31.34 -6.96 20.76
CA HIS A 96 29.91 -6.77 20.94
C HIS A 96 29.40 -7.78 21.94
N HIS A 97 28.56 -7.31 22.87
CA HIS A 97 27.87 -8.17 23.82
C HIS A 97 26.38 -8.08 23.57
N VAL A 98 25.67 -9.13 23.86
CA VAL A 98 24.25 -9.12 23.51
C VAL A 98 23.67 -8.02 24.35
N PHE A 99 22.55 -7.42 23.92
CA PHE A 99 21.90 -6.33 24.68
C PHE A 99 20.76 -6.95 25.49
N GLN A 100 21.09 -7.54 26.60
CA GLN A 100 20.06 -8.17 27.42
C GLN A 100 19.21 -7.03 27.92
N PRO A 101 18.04 -6.79 27.34
CA PRO A 101 17.29 -5.57 27.66
C PRO A 101 16.73 -5.65 29.08
N GLU A 102 17.18 -6.65 29.85
CA GLU A 102 16.72 -6.80 31.26
C GLU A 102 17.94 -7.03 32.15
N LEU A 103 18.80 -7.98 31.77
CA LEU A 103 20.01 -8.28 32.56
C LEU A 103 20.47 -6.90 33.01
N PRO A 104 20.62 -6.64 34.33
CA PRO A 104 21.13 -5.36 34.82
C PRO A 104 22.58 -5.15 34.35
N ALA A 105 22.83 -4.10 33.57
CA ALA A 105 24.20 -3.77 33.09
C ALA A 105 25.20 -4.89 33.42
N GLU A 106 25.34 -5.88 32.52
CA GLU A 106 26.23 -7.03 32.77
C GLU A 106 27.64 -6.66 32.30
N PRO A 107 27.86 -6.25 31.03
CA PRO A 107 29.19 -5.80 30.61
C PRO A 107 29.38 -4.34 31.05
N ALA A 108 29.32 -4.07 32.36
CA ALA A 108 29.44 -2.69 32.89
C ALA A 108 30.19 -1.80 31.91
N ALA A 109 31.53 -1.93 31.85
CA ALA A 109 32.35 -1.09 30.93
C ALA A 109 31.61 -0.93 29.60
N TYR A 110 31.36 -2.04 28.91
CA TYR A 110 30.56 -1.98 27.65
C TYR A 110 29.29 -1.19 27.94
N TRP A 111 28.45 -1.65 28.84
CA TRP A 111 27.13 -1.02 29.01
C TRP A 111 27.25 0.39 29.55
N SER A 112 28.45 0.89 29.74
CA SER A 112 28.69 2.31 30.08
C SER A 112 29.30 3.05 28.90
N LYS A 113 30.28 2.41 28.26
CA LYS A 113 30.87 3.00 27.04
C LYS A 113 29.74 3.10 26.03
N LEU A 114 28.68 2.30 26.21
CA LEU A 114 27.50 2.35 25.32
C LEU A 114 26.72 3.64 25.67
N ASN A 115 26.20 3.71 26.87
CA ASN A 115 25.38 4.88 27.25
C ASN A 115 26.08 6.15 26.79
N ASP A 116 27.33 6.33 27.18
CA ASP A 116 28.11 7.51 26.74
C ASP A 116 28.10 7.71 25.22
N LEU A 117 27.79 6.69 24.43
CA LEU A 117 27.69 6.76 22.94
C LEU A 117 26.28 6.60 22.40
N PHE A 118 25.26 6.52 23.27
CA PHE A 118 23.88 6.49 22.71
C PHE A 118 22.87 7.00 23.73
N GLY A 119 23.32 7.30 24.96
CA GLY A 119 22.42 7.91 25.95
C GLY A 119 22.35 9.40 25.70
N ASP A 120 23.42 9.97 25.10
CA ASP A 120 23.45 11.41 24.77
C ASP A 120 22.56 11.66 23.54
N ALA A 121 22.09 12.89 23.37
CA ALA A 121 21.31 13.19 22.18
C ALA A 121 22.14 13.77 21.05
N ALA A 122 23.43 14.06 21.28
CA ALA A 122 24.26 14.55 20.19
C ALA A 122 24.58 13.45 19.19
N LEU A 123 24.54 12.20 19.61
CA LEU A 123 24.70 11.07 18.69
C LEU A 123 23.41 10.30 18.49
N TYR A 124 22.64 10.06 19.55
CA TYR A 124 21.42 9.29 19.40
C TYR A 124 20.45 9.94 18.44
N GLN A 125 20.40 11.27 18.41
CA GLN A 125 19.52 11.95 17.47
C GLN A 125 19.89 11.70 16.02
N SER A 126 21.12 11.25 15.76
CA SER A 126 21.58 10.99 14.41
C SER A 126 21.47 9.54 14.00
N LEU A 127 20.96 8.68 14.88
CA LEU A 127 20.79 7.28 14.55
C LEU A 127 19.49 7.03 13.78
N PRO A 128 18.34 7.59 14.18
CA PRO A 128 17.13 7.36 13.40
C PRO A 128 17.03 8.25 12.16
N THR A 129 17.62 9.44 12.19
CA THR A 129 17.65 10.25 10.99
C THR A 129 18.62 9.71 9.94
N LEU A 130 19.52 8.80 10.34
CA LEU A 130 20.33 8.07 9.40
C LEU A 130 19.71 6.74 9.04
N ALA A 131 18.98 6.14 9.97
CA ALA A 131 18.21 4.95 9.65
C ALA A 131 17.13 5.23 8.63
N ARG A 132 16.55 6.44 8.66
CA ARG A 132 15.55 6.77 7.65
C ARG A 132 16.18 6.78 6.26
N ALA A 133 17.37 7.35 6.14
CA ALA A 133 18.06 7.34 4.85
C ALA A 133 18.43 5.92 4.45
N LEU A 134 18.93 5.12 5.37
CA LEU A 134 19.33 3.77 5.02
C LEU A 134 18.14 2.91 4.64
N ALA A 135 16.99 3.13 5.25
CA ALA A 135 15.81 2.39 4.86
C ALA A 135 15.23 2.89 3.55
N GLN A 136 15.42 4.17 3.23
CA GLN A 136 15.01 4.64 1.91
C GLN A 136 15.94 4.13 0.83
N TYR A 137 17.18 3.82 1.19
CA TYR A 137 18.09 3.23 0.21
C TYR A 137 17.82 1.75 0.02
N LEU A 138 17.75 0.99 1.12
CA LEU A 138 17.59 -0.45 1.02
C LEU A 138 16.27 -0.84 0.37
N VAL A 139 15.24 0.00 0.46
CA VAL A 139 13.95 -0.36 -0.12
C VAL A 139 13.92 -0.23 -1.63
N VAL A 140 14.97 0.33 -2.24
CA VAL A 140 15.04 0.49 -3.68
C VAL A 140 16.30 -0.14 -4.27
N VAL A 141 17.05 -0.91 -3.48
CA VAL A 141 18.17 -1.63 -4.06
C VAL A 141 17.69 -2.76 -4.97
N SER A 142 16.47 -3.24 -4.74
CA SER A 142 15.90 -4.31 -5.56
C SER A 142 15.52 -3.88 -6.95
N LYS A 143 15.61 -2.59 -7.29
CA LYS A 143 15.26 -2.10 -8.61
C LYS A 143 16.26 -1.06 -9.09
N LEU A 144 17.55 -1.33 -8.90
CA LEU A 144 18.62 -0.42 -9.27
C LEU A 144 19.57 -1.09 -10.26
N PRO A 145 20.42 -0.30 -10.93
CA PRO A 145 21.42 -0.90 -11.83
C PRO A 145 22.47 -1.71 -11.10
N SER A 146 23.46 -2.21 -11.84
CA SER A 146 24.46 -3.10 -11.23
C SER A 146 25.37 -2.35 -10.28
N HIS A 147 25.76 -1.13 -10.61
CA HIS A 147 26.70 -0.37 -9.79
C HIS A 147 26.02 0.45 -8.71
N LEU A 148 24.73 0.25 -8.49
CA LEU A 148 23.99 1.00 -7.48
C LEU A 148 23.43 0.13 -6.36
N HIS A 149 23.67 -1.17 -6.40
CA HIS A 149 23.40 -1.99 -5.23
C HIS A 149 24.40 -1.65 -4.12
N LEU A 150 24.09 -2.09 -2.90
CA LEU A 150 25.02 -1.86 -1.82
C LEU A 150 26.26 -2.73 -2.00
N PRO A 151 27.45 -2.17 -1.82
CA PRO A 151 28.68 -2.91 -2.09
C PRO A 151 28.83 -4.08 -1.16
N PRO A 152 29.73 -5.02 -1.47
CA PRO A 152 29.97 -6.14 -0.55
C PRO A 152 30.78 -5.77 0.67
N GLU A 153 31.51 -4.65 0.64
CA GLU A 153 32.31 -4.25 1.80
C GLU A 153 31.45 -3.65 2.90
N LYS A 154 30.45 -2.86 2.54
CA LYS A 154 29.64 -2.16 3.53
C LYS A 154 28.57 -3.04 4.18
N GLU A 155 28.50 -4.32 3.84
CA GLU A 155 27.40 -5.13 4.35
C GLU A 155 27.56 -5.42 5.84
N LYS A 156 28.77 -5.79 6.27
CA LYS A 156 29.03 -5.97 7.69
C LYS A 156 28.72 -4.71 8.47
N ASP A 157 29.15 -3.56 7.94
CA ASP A 157 28.94 -2.29 8.63
C ASP A 157 27.46 -1.95 8.71
N ILE A 158 26.70 -2.29 7.67
CA ILE A 158 25.27 -2.00 7.72
C ILE A 158 24.57 -2.92 8.72
N VAL A 159 25.01 -4.18 8.82
CA VAL A 159 24.44 -5.06 9.84
C VAL A 159 24.73 -4.51 11.23
N LYS A 160 25.98 -4.09 11.46
CA LYS A 160 26.32 -3.52 12.76
C LYS A 160 25.52 -2.25 13.02
N PHE A 161 25.25 -1.47 11.98
CA PHE A 161 24.48 -0.24 12.19
C PHE A 161 23.04 -0.54 12.57
N VAL A 162 22.43 -1.53 11.93
CA VAL A 162 21.05 -1.87 12.29
C VAL A 162 21.00 -2.42 13.70
N VAL A 163 21.98 -3.24 14.07
CA VAL A 163 22.08 -3.73 15.44
C VAL A 163 22.16 -2.56 16.41
N ALA A 164 23.01 -1.58 16.11
CA ALA A 164 23.20 -0.45 17.00
C ALA A 164 21.95 0.41 17.09
N THR A 165 21.22 0.56 15.98
CA THR A 165 20.02 1.37 16.00
C THR A 165 18.94 0.73 16.87
N LEU A 166 18.73 -0.58 16.74
CA LEU A 166 17.75 -1.22 17.61
C LEU A 166 18.21 -1.20 19.07
N GLU A 167 19.52 -1.35 19.30
CA GLU A 167 20.04 -1.24 20.65
C GLU A 167 19.78 0.13 21.24
N ALA A 168 19.98 1.18 20.45
CA ALA A 168 19.75 2.53 20.94
C ALA A 168 18.28 2.79 21.21
N LEU A 169 17.41 2.31 20.34
CA LEU A 169 15.98 2.47 20.58
C LEU A 169 15.56 1.77 21.86
N SER A 170 16.04 0.54 22.06
CA SER A 170 15.67 -0.19 23.27
C SER A 170 16.26 0.44 24.51
N TRP A 171 17.48 0.98 24.41
CA TRP A 171 18.08 1.69 25.53
C TRP A 171 17.25 2.91 25.90
N HIS A 172 16.80 3.66 24.89
CA HIS A 172 15.93 4.80 25.14
C HIS A 172 14.66 4.36 25.83
N LEU A 173 14.04 3.27 25.34
CA LEU A 173 12.84 2.76 26.00
C LEU A 173 13.09 2.35 27.43
N ILE A 174 14.29 1.87 27.73
CA ILE A 174 14.61 1.49 29.11
C ILE A 174 14.75 2.72 29.99
N HIS A 175 15.59 3.66 29.59
CA HIS A 175 15.87 4.81 30.44
C HIS A 175 14.85 5.93 30.23
N GLU A 176 14.85 6.50 29.03
CA GLU A 176 13.93 7.63 28.73
C GLU A 176 12.55 7.09 28.37
N GLN A 177 11.69 7.96 27.85
CA GLN A 177 10.36 7.54 27.43
C GLN A 177 10.41 6.91 26.05
N ILE A 178 9.24 6.57 25.53
CA ILE A 178 9.08 5.98 24.20
C ILE A 178 9.78 6.90 23.21
N PRO A 179 10.77 6.43 22.42
CA PRO A 179 11.57 7.35 21.58
C PRO A 179 10.83 8.34 20.67
N LEU A 180 10.12 7.83 19.66
CA LEU A 180 9.37 8.66 18.73
C LEU A 180 8.77 7.71 17.71
N SER A 181 7.65 8.07 17.08
CA SER A 181 7.10 7.17 16.08
C SER A 181 8.02 7.03 14.88
N LEU A 182 8.64 8.14 14.47
CA LEU A 182 9.52 8.09 13.29
C LEU A 182 10.83 7.39 13.60
N ASP A 183 11.34 7.54 14.83
CA ASP A 183 12.55 6.81 15.22
C ASP A 183 12.29 5.31 15.27
N LEU A 184 11.22 4.91 15.96
CA LEU A 184 10.82 3.52 15.96
C LEU A 184 10.69 2.98 14.54
N GLN A 185 9.98 3.71 13.69
CA GLN A 185 9.74 3.25 12.34
C GLN A 185 11.04 3.12 11.56
N ALA A 186 11.96 4.07 11.73
CA ALA A 186 13.23 3.99 11.01
C ALA A 186 14.06 2.80 11.45
N GLY A 187 14.12 2.57 12.76
CA GLY A 187 14.88 1.43 13.25
C GLY A 187 14.33 0.11 12.77
N LEU A 188 13.02 -0.08 12.92
CA LEU A 188 12.42 -1.33 12.45
C LEU A 188 12.46 -1.45 10.94
N ASP A 189 12.46 -0.33 10.22
CA ASP A 189 12.56 -0.37 8.76
C ASP A 189 13.93 -0.88 8.34
N CYS A 190 14.99 -0.34 8.94
CA CYS A 190 16.31 -0.87 8.64
C CYS A 190 16.39 -2.34 8.98
N CYS A 191 15.83 -2.76 10.11
CA CYS A 191 15.90 -4.16 10.49
C CYS A 191 15.22 -5.04 9.45
N CYS A 192 13.98 -4.71 9.10
CA CYS A 192 13.22 -5.49 8.13
C CYS A 192 13.91 -5.53 6.77
N LEU A 193 14.26 -4.36 6.22
CA LEU A 193 14.85 -4.31 4.90
C LEU A 193 16.27 -4.85 4.87
N ALA A 194 16.94 -4.99 6.01
CA ALA A 194 18.25 -5.60 5.99
C ALA A 194 18.16 -7.12 6.08
N LEU A 195 17.18 -7.62 6.83
CA LEU A 195 16.96 -9.06 6.81
C LEU A 195 16.24 -9.52 5.55
N GLN A 196 15.74 -8.58 4.74
CA GLN A 196 15.15 -8.93 3.46
C GLN A 196 16.16 -9.03 2.32
N LEU A 197 17.38 -8.56 2.53
CA LEU A 197 18.23 -8.73 1.37
C LEU A 197 19.16 -9.90 1.57
N PRO A 198 19.38 -10.72 0.54
CA PRO A 198 20.33 -11.83 0.68
C PRO A 198 21.75 -11.40 0.99
N GLY A 199 22.19 -10.24 0.49
CA GLY A 199 23.54 -9.79 0.75
C GLY A 199 23.82 -9.55 2.22
N LEU A 200 22.84 -9.03 2.95
CA LEU A 200 22.96 -8.84 4.38
C LEU A 200 22.45 -10.03 5.18
N TRP A 201 21.55 -10.82 4.60
CA TRP A 201 21.09 -12.04 5.25
C TRP A 201 22.21 -13.07 5.35
N SER A 202 23.17 -13.03 4.42
CA SER A 202 24.33 -13.91 4.54
C SER A 202 25.28 -13.44 5.63
N VAL A 203 25.16 -12.20 6.08
CA VAL A 203 26.05 -11.68 7.10
C VAL A 203 25.45 -11.81 8.48
N VAL A 204 24.18 -11.43 8.65
CA VAL A 204 23.56 -11.56 9.96
C VAL A 204 23.52 -13.02 10.39
N SER A 205 23.17 -13.92 9.47
CA SER A 205 22.93 -15.32 9.79
C SER A 205 24.20 -16.16 9.75
N SER A 206 25.37 -15.54 9.86
CA SER A 206 26.61 -16.30 9.90
C SER A 206 26.93 -16.71 11.33
N THR A 207 28.16 -17.15 11.58
CA THR A 207 28.55 -17.59 12.91
C THR A 207 29.26 -16.52 13.73
N GLU A 208 29.98 -15.60 13.11
CA GLU A 208 30.61 -14.53 13.87
C GLU A 208 29.64 -13.38 14.15
N PHE A 209 28.39 -13.50 13.75
CA PHE A 209 27.35 -12.53 14.03
C PHE A 209 26.23 -13.16 14.83
N VAL A 210 26.58 -14.08 15.72
CA VAL A 210 25.56 -14.69 16.57
C VAL A 210 25.15 -13.73 17.67
N THR A 211 26.12 -13.02 18.26
CA THR A 211 25.80 -12.03 19.27
C THR A 211 24.91 -10.94 18.71
N HIS A 212 25.13 -10.55 17.44
CA HIS A 212 24.28 -9.55 16.83
C HIS A 212 22.89 -10.10 16.55
N ALA A 213 22.79 -11.37 16.17
CA ALA A 213 21.47 -11.96 15.94
C ALA A 213 20.68 -12.04 17.24
N CYS A 214 21.33 -12.43 18.34
CA CYS A 214 20.64 -12.45 19.62
C CYS A 214 20.35 -11.04 20.12
N SER A 215 21.18 -10.05 19.77
CA SER A 215 20.86 -8.68 20.12
C SER A 215 19.61 -8.22 19.38
N LEU A 216 19.53 -8.50 18.08
CA LEU A 216 18.33 -8.21 17.32
C LEU A 216 17.12 -8.88 17.94
N ILE A 217 17.25 -10.14 18.31
CA ILE A 217 16.10 -10.87 18.86
C ILE A 217 15.68 -10.28 20.19
N HIS A 218 16.64 -10.00 21.08
CA HIS A 218 16.34 -9.43 22.38
C HIS A 218 15.69 -8.07 22.24
N CYS A 219 16.24 -7.21 21.38
CA CYS A 219 15.72 -5.87 21.20
C CYS A 219 14.33 -5.88 20.57
N VAL A 220 14.12 -6.71 19.55
CA VAL A 220 12.81 -6.79 18.94
C VAL A 220 11.79 -7.32 19.93
N HIS A 221 12.17 -8.30 20.74
CA HIS A 221 11.23 -8.80 21.72
C HIS A 221 10.92 -7.75 22.77
N PHE A 222 11.93 -6.99 23.20
CA PHE A 222 11.69 -5.96 24.21
C PHE A 222 10.82 -4.84 23.65
N ILE A 223 11.05 -4.46 22.40
CA ILE A 223 10.22 -3.43 21.78
C ILE A 223 8.78 -3.91 21.63
N LEU A 224 8.59 -5.16 21.19
CA LEU A 224 7.24 -5.68 21.10
C LEU A 224 6.58 -5.77 22.47
N GLU A 225 7.36 -6.05 23.51
CA GLU A 225 6.80 -6.10 24.86
C GLU A 225 6.41 -4.71 25.35
N ALA A 226 7.25 -3.72 25.09
CA ALA A 226 6.95 -2.37 25.52
C ALA A 226 5.78 -1.77 24.76
N VAL A 227 5.67 -2.06 23.48
CA VAL A 227 4.66 -1.45 22.64
C VAL A 227 3.32 -2.17 22.75
N ALA A 228 3.34 -3.50 22.70
CA ALA A 228 2.10 -4.26 22.55
C ALA A 228 1.40 -4.57 23.87
N VAL A 229 2.13 -4.57 24.98
CA VAL A 229 1.55 -4.98 26.26
C VAL A 229 1.81 -3.91 27.30
N GLN A 230 0.96 -3.89 28.31
CA GLN A 230 1.15 -3.01 29.44
C GLN A 230 2.23 -3.56 30.36
N PRO A 231 2.86 -2.70 31.16
CA PRO A 231 3.86 -3.20 32.12
C PRO A 231 3.25 -4.16 33.12
N GLY A 232 3.85 -5.34 33.24
CA GLY A 232 3.43 -6.33 34.20
C GLY A 232 2.71 -7.52 33.61
N GLU A 233 2.56 -7.60 32.29
CA GLU A 233 1.92 -8.73 31.64
C GLU A 233 2.89 -9.37 30.65
N GLN A 234 2.61 -10.62 30.32
CA GLN A 234 3.38 -11.36 29.34
C GLN A 234 2.81 -11.14 27.94
N LEU A 235 3.55 -11.62 26.94
CA LEU A 235 3.14 -11.39 25.56
C LEU A 235 1.91 -12.21 25.20
N LEU A 236 1.90 -13.49 25.56
CA LEU A 236 0.88 -14.43 25.12
C LEU A 236 -0.05 -14.80 26.26
N SER A 237 -1.34 -14.89 25.96
CA SER A 237 -2.36 -15.28 26.94
C SER A 237 -2.88 -16.67 26.60
N PRO A 238 -2.42 -17.73 27.29
CA PRO A 238 -2.91 -19.09 27.07
C PRO A 238 -4.38 -19.24 27.45
N GLN A 260 26.90 -26.38 28.63
CA GLN A 260 25.82 -25.80 27.80
C GLN A 260 26.36 -24.60 26.99
N ASN A 261 25.46 -23.72 26.57
CA ASN A 261 25.87 -22.55 25.75
C ASN A 261 25.33 -21.28 26.39
N PRO A 262 25.68 -20.10 25.89
CA PRO A 262 25.41 -18.78 26.46
C PRO A 262 23.91 -18.66 26.72
N LYS A 263 23.53 -18.44 27.99
CA LYS A 263 22.10 -18.39 28.31
C LYS A 263 21.33 -17.56 27.31
N TYR A 264 21.97 -16.57 26.68
CA TYR A 264 21.25 -15.72 25.76
C TYR A 264 20.87 -16.44 24.48
N ILE A 265 21.61 -17.48 24.09
CA ILE A 265 21.23 -18.24 22.90
C ILE A 265 19.89 -18.94 23.12
N THR A 266 19.78 -19.66 24.22
CA THR A 266 18.51 -20.32 24.54
C THR A 266 17.41 -19.30 24.77
N ALA A 267 17.75 -18.16 25.38
CA ALA A 267 16.79 -17.09 25.53
C ALA A 267 16.28 -16.62 24.18
N ALA A 268 17.17 -16.48 23.21
CA ALA A 268 16.78 -16.04 21.88
C ALA A 268 15.88 -17.07 21.22
N CYS A 269 16.22 -18.35 21.36
CA CYS A 269 15.37 -19.39 20.80
C CYS A 269 13.96 -19.30 21.36
N GLU A 270 13.83 -19.21 22.68
CA GLU A 270 12.51 -19.18 23.29
C GLU A 270 11.77 -17.88 22.96
N MET A 271 12.49 -16.77 22.83
CA MET A 271 11.84 -15.51 22.49
C MET A 271 11.30 -15.52 21.07
N VAL A 272 12.09 -16.06 20.12
CA VAL A 272 11.59 -16.15 18.76
C VAL A 272 10.41 -17.11 18.69
N ALA A 273 10.46 -18.20 19.46
CA ALA A 273 9.32 -19.10 19.49
C ALA A 273 8.07 -18.39 20.00
N GLU A 274 8.20 -17.61 21.07
CA GLU A 274 7.06 -16.87 21.59
C GLU A 274 6.54 -15.86 20.58
N MET A 275 7.44 -15.15 19.89
CA MET A 275 7.02 -14.17 18.90
C MET A 275 6.29 -14.82 17.75
N VAL A 276 6.87 -15.89 17.19
CA VAL A 276 6.22 -16.61 16.10
C VAL A 276 4.86 -17.10 16.51
N GLU A 277 4.74 -17.62 17.74
CA GLU A 277 3.43 -18.01 18.23
C GLU A 277 2.52 -16.81 18.42
N SER A 278 3.09 -15.61 18.58
CA SER A 278 2.28 -14.40 18.72
C SER A 278 1.73 -13.92 17.40
N LEU A 279 2.45 -14.17 16.29
CA LEU A 279 1.96 -13.74 14.98
C LEU A 279 0.52 -14.13 14.71
N GLN A 280 0.00 -15.13 15.42
CA GLN A 280 -1.38 -15.54 15.19
C GLN A 280 -2.37 -14.63 15.90
N SER A 281 -2.00 -14.08 17.06
CA SER A 281 -2.93 -13.27 17.83
C SER A 281 -2.48 -11.83 17.97
N VAL A 282 -1.30 -11.59 18.56
CA VAL A 282 -0.96 -10.22 18.93
C VAL A 282 -0.57 -9.39 17.73
N LEU A 283 0.05 -9.99 16.72
CA LEU A 283 0.47 -9.26 15.53
C LEU A 283 -0.36 -9.60 14.31
N ALA A 284 -1.57 -10.10 14.50
CA ALA A 284 -2.49 -10.36 13.41
C ALA A 284 -3.39 -9.14 13.28
N LEU A 285 -3.20 -8.38 12.20
CA LEU A 285 -3.82 -7.06 12.07
C LEU A 285 -5.34 -7.16 12.08
N GLY A 286 -5.95 -6.64 13.14
CA GLY A 286 -7.39 -6.68 13.29
C GLY A 286 -7.89 -7.67 14.31
N HIS A 287 -7.01 -8.51 14.85
CA HIS A 287 -7.41 -9.43 15.90
C HIS A 287 -7.84 -8.65 17.15
N LYS A 288 -8.56 -9.33 18.03
CA LYS A 288 -8.98 -8.69 19.27
C LYS A 288 -7.83 -8.41 20.21
N ARG A 289 -6.62 -8.89 19.90
CA ARG A 289 -5.45 -8.66 20.74
C ARG A 289 -4.44 -7.71 20.12
N ASN A 290 -4.55 -7.45 18.82
CA ASN A 290 -3.66 -6.49 18.18
C ASN A 290 -4.02 -5.05 18.50
N SER A 291 -5.11 -4.82 19.23
CA SER A 291 -5.50 -3.46 19.57
C SER A 291 -4.51 -2.75 20.48
N GLY A 292 -3.42 -3.40 20.87
CA GLY A 292 -2.41 -2.74 21.67
C GLY A 292 -1.28 -2.21 20.84
N VAL A 293 -1.00 -2.86 19.72
CA VAL A 293 0.07 -2.42 18.82
C VAL A 293 -0.51 -1.32 17.95
N PRO A 294 0.21 -0.21 17.75
CA PRO A 294 -0.39 0.96 17.11
C PRO A 294 -0.58 0.85 15.61
N ALA A 295 -0.55 -0.36 15.06
CA ALA A 295 -1.06 -0.64 13.72
C ALA A 295 -0.19 -0.06 12.62
N PHE A 296 0.81 0.73 12.98
CA PHE A 296 1.87 1.08 12.04
C PHE A 296 3.16 0.33 12.37
N LEU A 297 3.14 -0.46 13.45
CA LEU A 297 4.22 -1.35 13.79
C LEU A 297 3.90 -2.80 13.51
N THR A 298 2.63 -3.13 13.31
CA THR A 298 2.25 -4.52 13.05
C THR A 298 2.92 -5.09 11.81
N PRO A 299 2.88 -4.45 10.64
CA PRO A 299 3.53 -5.08 9.48
C PRO A 299 5.03 -5.17 9.63
N LEU A 300 5.65 -4.11 10.13
CA LEU A 300 7.10 -4.13 10.34
C LEU A 300 7.49 -5.25 11.29
N LEU A 301 6.77 -5.39 12.38
CA LEU A 301 7.12 -6.42 13.36
C LEU A 301 6.85 -7.82 12.83
N ARG A 302 5.75 -8.00 12.09
CA ARG A 302 5.49 -9.30 11.47
C ARG A 302 6.64 -9.69 10.56
N ASN A 303 7.06 -8.79 9.69
CA ASN A 303 8.13 -9.11 8.75
C ASN A 303 9.45 -9.36 9.47
N ILE A 304 9.74 -8.56 10.49
CA ILE A 304 10.99 -8.74 11.23
C ILE A 304 10.99 -10.07 11.95
N ILE A 305 9.86 -10.46 12.53
CA ILE A 305 9.80 -11.72 13.27
C ILE A 305 9.95 -12.89 12.32
N ILE A 306 9.32 -12.84 11.14
CA ILE A 306 9.49 -13.91 10.17
C ILE A 306 10.96 -14.02 9.77
N SER A 307 11.57 -12.90 9.42
CA SER A 307 12.95 -12.92 8.98
C SER A 307 13.90 -13.35 10.09
N LEU A 308 13.52 -13.14 11.35
CA LEU A 308 14.37 -13.60 12.44
C LEU A 308 14.19 -15.09 12.67
N ALA A 309 12.95 -15.57 12.60
CA ALA A 309 12.69 -16.98 12.77
C ALA A 309 13.36 -17.81 11.70
N ARG A 310 13.61 -17.26 10.52
CA ARG A 310 14.28 -18.04 9.50
C ARG A 310 15.80 -18.08 9.68
N LEU A 311 16.32 -17.70 10.83
CA LEU A 311 17.76 -17.71 11.05
C LEU A 311 18.24 -19.11 11.40
N PRO A 312 19.40 -19.54 10.89
CA PRO A 312 19.89 -20.88 11.23
C PRO A 312 20.06 -21.10 12.72
N LEU A 313 20.29 -20.02 13.47
CA LEU A 313 20.43 -20.14 14.92
C LEU A 313 19.14 -20.63 15.57
N VAL A 314 18.01 -20.02 15.21
CA VAL A 314 16.74 -20.30 15.86
C VAL A 314 15.77 -21.04 14.97
N ASN A 315 16.13 -21.30 13.72
CA ASN A 315 15.17 -21.92 12.81
C ASN A 315 14.84 -23.34 13.24
N SER A 316 15.85 -24.11 13.63
CA SER A 316 15.64 -25.50 14.02
C SER A 316 14.69 -25.61 15.20
N TYR A 317 14.84 -24.71 16.18
CA TYR A 317 13.96 -24.73 17.34
C TYR A 317 12.58 -24.18 16.99
N THR A 318 12.52 -23.17 16.13
CA THR A 318 11.26 -22.48 15.88
C THR A 318 10.26 -23.36 15.14
N ARG A 319 10.74 -24.34 14.37
CA ARG A 319 9.83 -25.17 13.60
C ARG A 319 9.16 -26.25 14.43
N VAL A 320 9.70 -26.55 15.60
CA VAL A 320 9.07 -27.54 16.48
C VAL A 320 7.93 -26.88 17.23
N PRO A 321 6.74 -27.45 17.22
CA PRO A 321 5.64 -26.90 18.00
C PRO A 321 5.96 -26.93 19.48
N PRO A 322 5.27 -26.13 20.29
CA PRO A 322 5.48 -26.24 21.74
C PRO A 322 4.93 -27.54 22.31
N LEU A 323 3.91 -28.11 21.66
CA LEU A 323 3.31 -29.35 22.14
C LEU A 323 4.25 -30.53 22.03
N VAL A 324 5.41 -30.36 21.39
CA VAL A 324 6.41 -31.43 21.36
C VAL A 324 7.29 -31.38 22.60
N TRP A 325 7.78 -30.18 22.95
CA TRP A 325 8.48 -30.04 24.22
C TRP A 325 7.57 -30.34 25.38
N LYS A 326 6.26 -30.11 25.23
CA LYS A 326 5.32 -30.53 26.27
C LYS A 326 5.28 -32.05 26.41
N LEU A 327 5.89 -32.78 25.48
CA LEU A 327 6.07 -34.21 25.60
C LEU A 327 7.55 -34.52 25.81
N GLY A 328 7.85 -35.80 25.95
CA GLY A 328 9.22 -36.21 26.19
C GLY A 328 10.06 -36.22 24.93
N TRP A 329 10.39 -35.03 24.43
CA TRP A 329 11.29 -34.90 23.28
C TRP A 329 12.34 -33.84 23.62
N SER A 330 13.59 -34.24 23.67
CA SER A 330 14.66 -33.31 23.99
C SER A 330 16.00 -33.89 23.54
N PRO A 331 16.31 -33.84 22.25
CA PRO A 331 17.57 -34.39 21.77
C PRO A 331 18.75 -33.47 22.10
N LYS A 332 19.95 -33.97 21.83
CA LYS A 332 21.17 -33.22 22.06
C LYS A 332 21.60 -32.58 20.74
N PRO A 333 21.36 -31.27 20.54
CA PRO A 333 21.59 -30.67 19.24
C PRO A 333 22.99 -30.08 19.09
N GLY A 334 23.35 -29.82 17.84
CA GLY A 334 24.56 -29.06 17.54
C GLY A 334 24.62 -28.63 16.09
N GLY A 335 24.81 -27.34 15.88
CA GLY A 335 24.80 -26.79 14.53
C GLY A 335 25.76 -25.63 14.31
N ASP A 336 26.85 -25.59 15.06
CA ASP A 336 27.82 -24.49 15.17
C ASP A 336 27.27 -23.40 16.10
N PHE A 337 26.05 -23.56 16.60
CA PHE A 337 25.54 -22.76 17.70
C PHE A 337 25.23 -23.60 18.92
N GLY A 338 24.75 -24.82 18.72
CA GLY A 338 24.24 -25.65 19.79
C GLY A 338 22.74 -25.74 19.85
N THR A 339 22.03 -25.33 18.79
CA THR A 339 20.57 -25.37 18.81
C THR A 339 19.99 -25.95 17.53
N ALA A 340 20.74 -26.79 16.82
CA ALA A 340 20.24 -27.42 15.59
C ALA A 340 19.48 -28.68 15.97
N PHE A 341 18.26 -28.56 16.14
CA PHE A 341 17.52 -29.76 16.48
C PHE A 341 17.17 -30.55 15.23
N PRO A 342 16.98 -31.86 15.35
CA PRO A 342 16.59 -32.65 14.18
C PRO A 342 15.13 -32.42 13.82
N GLU A 343 14.80 -32.81 12.61
CA GLU A 343 13.41 -32.74 12.15
C GLU A 343 12.53 -33.60 13.04
N ILE A 344 11.34 -33.09 13.34
CA ILE A 344 10.37 -33.74 14.22
C ILE A 344 10.18 -35.18 13.78
N PRO A 345 10.35 -36.16 14.67
CA PRO A 345 9.98 -37.54 14.31
C PRO A 345 8.50 -37.63 14.02
N VAL A 346 8.17 -38.12 12.83
CA VAL A 346 6.81 -38.09 12.32
C VAL A 346 5.83 -38.88 13.16
N GLU A 347 6.32 -39.63 14.15
CA GLU A 347 5.40 -40.27 15.09
C GLU A 347 4.76 -39.27 16.04
N PHE A 348 5.16 -38.01 15.98
CA PHE A 348 4.55 -36.94 16.76
C PHE A 348 3.45 -36.21 16.02
N LEU A 349 3.52 -36.17 14.69
CA LEU A 349 2.54 -35.45 13.90
C LEU A 349 1.25 -36.22 13.71
N GLN A 350 1.22 -37.51 14.03
CA GLN A 350 -0.02 -38.27 13.96
C GLN A 350 -1.08 -37.69 14.89
N GLU A 351 -0.69 -36.86 15.85
CA GLU A 351 -1.64 -36.12 16.66
C GLU A 351 -2.00 -34.82 15.93
N LYS A 352 -3.28 -34.47 15.98
CA LYS A 352 -3.77 -33.36 15.16
C LYS A 352 -3.09 -32.05 15.54
N GLU A 353 -3.33 -31.58 16.77
CA GLU A 353 -2.87 -30.24 17.17
C GLU A 353 -1.39 -30.04 16.91
N VAL A 354 -0.58 -31.06 17.20
CA VAL A 354 0.85 -30.97 16.91
C VAL A 354 1.06 -30.78 15.41
N PHE A 355 0.23 -31.44 14.60
CA PHE A 355 0.38 -31.32 13.16
C PHE A 355 -0.02 -29.95 12.66
N LYS A 356 -1.12 -29.41 13.19
CA LYS A 356 -1.53 -28.07 12.78
C LYS A 356 -0.50 -27.02 13.19
N GLU A 357 0.12 -27.20 14.36
CA GLU A 357 1.17 -26.26 14.76
C GLU A 357 2.40 -26.39 13.88
N PHE A 358 2.78 -27.62 13.52
CA PHE A 358 3.91 -27.80 12.62
C PHE A 358 3.62 -27.19 11.26
N ILE A 359 2.39 -27.37 10.77
CA ILE A 359 1.99 -26.78 9.50
C ILE A 359 2.11 -25.27 9.56
N TYR A 360 1.62 -24.67 10.64
CA TYR A 360 1.73 -23.24 10.80
C TYR A 360 3.18 -22.79 10.80
N ARG A 361 4.05 -23.49 11.53
CA ARG A 361 5.46 -23.10 11.56
C ARG A 361 6.06 -23.12 10.17
N ILE A 362 5.89 -24.23 9.44
CA ILE A 362 6.55 -24.37 8.16
C ILE A 362 5.89 -23.53 7.07
N ASN A 363 4.64 -23.10 7.27
CA ASN A 363 3.99 -22.26 6.27
C ASN A 363 4.29 -20.79 6.50
N THR A 364 4.25 -20.34 7.76
CA THR A 364 4.62 -18.97 8.05
C THR A 364 6.09 -18.72 7.79
N LEU A 365 6.95 -19.64 8.20
CA LEU A 365 8.38 -19.46 8.03
C LEU A 365 8.86 -19.80 6.64
N GLY A 366 8.13 -20.64 5.90
CA GLY A 366 8.66 -21.07 4.63
C GLY A 366 9.83 -22.00 4.85
N TRP A 367 10.65 -22.17 3.82
CA TRP A 367 11.81 -23.03 3.89
C TRP A 367 13.06 -22.25 3.52
N THR A 368 14.13 -22.47 4.27
CA THR A 368 15.34 -21.67 4.14
C THR A 368 16.29 -22.17 3.08
N SER A 369 16.13 -23.40 2.61
CA SER A 369 17.03 -23.94 1.60
C SER A 369 16.37 -25.12 0.92
N ARG A 370 17.05 -25.65 -0.10
CA ARG A 370 16.52 -26.82 -0.81
C ARG A 370 16.45 -28.03 0.09
N THR A 371 17.49 -28.24 0.91
CA THR A 371 17.49 -29.36 1.83
C THR A 371 16.31 -29.29 2.79
N GLN A 372 15.94 -28.08 3.22
CA GLN A 372 14.80 -27.96 4.11
C GLN A 372 13.49 -28.25 3.40
N PHE A 373 13.37 -27.82 2.16
CA PHE A 373 12.18 -28.18 1.38
C PHE A 373 12.05 -29.69 1.27
N GLU A 374 13.16 -30.37 0.98
CA GLU A 374 13.12 -31.82 0.85
C GLU A 374 12.81 -32.48 2.18
N GLU A 375 13.35 -31.95 3.28
CA GLU A 375 13.08 -32.51 4.59
C GLU A 375 11.60 -32.42 4.92
N THR A 376 11.01 -31.23 4.77
CA THR A 376 9.59 -31.12 5.12
C THR A 376 8.71 -31.84 4.11
N TRP A 377 9.18 -31.96 2.86
CA TRP A 377 8.46 -32.78 1.88
C TRP A 377 8.38 -34.23 2.34
N ALA A 378 9.53 -34.81 2.70
CA ALA A 378 9.56 -36.19 3.18
C ALA A 378 8.78 -36.35 4.48
N THR A 379 8.77 -35.32 5.32
CA THR A 379 8.01 -35.38 6.56
C THR A 379 6.52 -35.47 6.28
N LEU A 380 5.99 -34.55 5.46
CA LEU A 380 4.58 -34.59 5.13
C LEU A 380 4.23 -35.80 4.30
N LEU A 381 5.21 -36.41 3.63
CA LEU A 381 4.95 -37.68 2.95
C LEU A 381 4.78 -38.81 3.95
N GLY A 382 5.72 -38.93 4.89
CA GLY A 382 5.57 -39.91 5.94
C GLY A 382 4.29 -39.76 6.71
N VAL A 383 3.80 -38.53 6.86
CA VAL A 383 2.49 -38.33 7.46
C VAL A 383 1.39 -38.68 6.47
N LEU A 384 1.68 -38.56 5.17
CA LEU A 384 0.71 -38.85 4.12
C LEU A 384 0.56 -40.35 3.84
N VAL A 385 1.25 -41.20 4.60
CA VAL A 385 1.16 -42.64 4.44
C VAL A 385 1.54 -43.04 3.02
N ARG A 404 -5.26 -41.03 10.87
CA ARG A 404 -5.45 -40.99 9.42
C ARG A 404 -6.85 -40.48 9.08
N THR A 405 -7.64 -40.20 10.11
CA THR A 405 -8.98 -39.67 9.90
C THR A 405 -8.93 -38.35 9.16
N GLN A 406 -8.36 -37.33 9.81
CA GLN A 406 -8.22 -36.00 9.25
C GLN A 406 -6.77 -35.58 9.06
N ILE A 407 -5.81 -36.36 9.58
CA ILE A 407 -4.41 -36.08 9.33
C ILE A 407 -4.11 -36.14 7.85
N ASN A 408 -4.90 -36.88 7.08
CA ASN A 408 -4.68 -36.94 5.64
C ASN A 408 -5.08 -35.65 4.96
N VAL A 409 -6.20 -35.06 5.38
CA VAL A 409 -6.61 -33.78 4.80
C VAL A 409 -5.59 -32.70 5.13
N LEU A 410 -5.15 -32.65 6.38
CA LEU A 410 -4.13 -31.69 6.76
C LEU A 410 -2.84 -31.93 5.99
N ALA A 411 -2.49 -33.21 5.77
CA ALA A 411 -1.26 -33.49 5.05
C ALA A 411 -1.37 -33.07 3.59
N VAL A 412 -2.55 -33.24 2.99
CA VAL A 412 -2.73 -32.83 1.60
C VAL A 412 -2.67 -31.31 1.48
N GLN A 413 -3.32 -30.59 2.39
CA GLN A 413 -3.26 -29.13 2.37
C GLN A 413 -1.84 -28.62 2.60
N ALA A 414 -1.14 -29.20 3.57
CA ALA A 414 0.25 -28.82 3.80
C ALA A 414 1.09 -29.11 2.57
N ILE A 415 0.82 -30.21 1.88
CA ILE A 415 1.60 -30.57 0.71
C ILE A 415 1.39 -29.57 -0.42
N THR A 416 0.11 -29.22 -0.68
CA THR A 416 -0.15 -28.30 -1.78
C THR A 416 0.41 -26.91 -1.48
N SER A 417 0.25 -26.42 -0.25
CA SER A 417 0.86 -25.15 0.10
C SER A 417 2.38 -25.22 0.02
N LEU A 418 2.96 -26.37 0.33
CA LEU A 418 4.41 -26.50 0.32
C LEU A 418 4.95 -26.48 -1.10
N VAL A 419 4.26 -27.10 -2.04
CA VAL A 419 4.74 -27.03 -3.43
C VAL A 419 4.47 -25.66 -4.01
N LEU A 420 3.35 -25.02 -3.62
CA LEU A 420 3.09 -23.65 -4.03
C LEU A 420 4.13 -22.67 -3.49
N SER A 421 4.80 -23.03 -2.39
CA SER A 421 5.84 -22.19 -1.83
C SER A 421 6.96 -21.92 -2.83
N ALA A 422 7.22 -22.84 -3.74
CA ALA A 422 8.30 -22.63 -4.71
C ALA A 422 7.87 -21.81 -5.90
N MET A 423 6.61 -21.38 -5.94
CA MET A 423 6.09 -20.59 -7.05
C MET A 423 6.48 -19.12 -6.92
N THR A 424 6.76 -18.64 -5.71
CA THR A 424 6.96 -17.22 -5.46
C THR A 424 8.12 -16.68 -6.30
N VAL A 425 8.01 -15.41 -6.71
CA VAL A 425 9.01 -14.86 -7.69
C VAL A 425 10.33 -14.36 -7.09
N PRO A 426 10.37 -13.33 -6.21
CA PRO A 426 11.65 -12.74 -5.76
C PRO A 426 12.66 -13.75 -5.21
N VAL A 427 12.40 -14.39 -4.06
CA VAL A 427 13.22 -15.46 -3.46
C VAL A 427 12.20 -16.49 -3.15
N ALA A 428 12.37 -17.73 -3.60
CA ALA A 428 11.33 -18.78 -3.58
C ALA A 428 10.77 -19.25 -2.25
N GLY A 429 11.52 -19.48 -1.20
CA GLY A 429 10.89 -19.95 0.02
C GLY A 429 10.93 -18.93 1.12
N ASN A 430 10.67 -17.67 0.78
CA ASN A 430 10.81 -16.55 1.70
C ASN A 430 9.51 -15.78 1.75
N PRO A 431 8.65 -15.99 2.75
CA PRO A 431 7.41 -15.22 2.82
C PRO A 431 7.61 -13.76 3.16
N ALA A 432 8.79 -13.38 3.64
CA ALA A 432 9.05 -11.98 3.92
C ALA A 432 9.38 -11.21 2.65
N VAL A 433 10.09 -11.85 1.72
CA VAL A 433 10.55 -11.20 0.51
C VAL A 433 9.56 -11.37 -0.63
N SER A 434 8.99 -12.56 -0.78
CA SER A 434 8.31 -12.97 -1.99
C SER A 434 6.80 -13.05 -1.81
N CYS A 435 6.10 -12.98 -2.94
CA CYS A 435 4.68 -13.26 -3.02
C CYS A 435 4.44 -14.20 -4.19
N LEU A 436 3.23 -14.75 -4.24
CA LEU A 436 2.94 -15.78 -5.21
C LEU A 436 2.96 -15.24 -6.63
N GLU A 437 3.62 -15.98 -7.53
CA GLU A 437 3.81 -15.54 -8.90
C GLU A 437 2.52 -15.65 -9.69
N GLN A 438 2.16 -14.58 -10.38
CA GLN A 438 0.95 -14.56 -11.20
C GLN A 438 1.28 -14.02 -12.57
N GLN A 439 0.77 -14.68 -13.60
CA GLN A 439 0.83 -14.20 -14.96
C GLN A 439 -0.57 -13.83 -15.40
N PRO A 440 -0.88 -12.56 -15.60
CA PRO A 440 -2.26 -12.17 -15.89
C PRO A 440 -2.71 -12.68 -17.25
N ARG A 441 -4.03 -12.67 -17.45
CA ARG A 441 -4.60 -13.13 -18.71
C ARG A 441 -4.60 -12.04 -19.77
N ASN A 442 -4.72 -10.78 -19.37
CA ASN A 442 -4.82 -9.69 -20.33
C ASN A 442 -3.46 -9.37 -20.92
N LYS A 443 -3.42 -9.28 -22.23
CA LYS A 443 -2.18 -8.97 -22.95
C LYS A 443 -1.88 -7.48 -22.86
N PRO A 444 -0.63 -7.09 -23.10
CA PRO A 444 -0.30 -5.66 -23.12
C PRO A 444 -1.13 -4.91 -24.15
N LEU A 445 -1.59 -3.73 -23.75
CA LEU A 445 -2.39 -2.89 -24.65
C LEU A 445 -1.53 -2.35 -25.78
N LYS A 446 -2.10 -2.32 -26.98
CA LYS A 446 -1.39 -1.81 -28.15
C LYS A 446 -1.68 -0.35 -28.43
N ALA A 447 -2.69 0.23 -27.77
CA ALA A 447 -2.92 1.66 -27.90
C ALA A 447 -1.75 2.45 -27.34
N LEU A 448 -1.16 1.98 -26.25
CA LEU A 448 0.06 2.56 -25.75
C LEU A 448 1.20 2.20 -26.71
N ASP A 449 2.41 2.67 -26.39
CA ASP A 449 3.54 2.62 -27.31
C ASP A 449 3.21 3.34 -28.63
N THR A 450 2.46 4.42 -28.51
CA THR A 450 2.12 5.28 -29.65
C THR A 450 2.52 6.71 -29.33
N ARG A 451 2.06 7.67 -30.12
CA ARG A 451 2.32 9.07 -29.80
C ARG A 451 1.53 9.51 -28.57
N PHE A 452 0.20 9.45 -28.65
CA PHE A 452 -0.63 9.80 -27.50
C PHE A 452 -0.54 8.75 -26.41
N GLY A 453 -0.38 7.49 -26.80
CA GLY A 453 -0.29 6.43 -25.82
C GLY A 453 0.86 6.61 -24.86
N ARG A 454 2.02 7.03 -25.36
CA ARG A 454 3.19 7.17 -24.49
C ARG A 454 3.11 8.41 -23.61
N LYS A 455 2.11 9.27 -23.80
CA LYS A 455 1.87 10.39 -22.90
C LYS A 455 0.80 10.05 -21.88
N LEU A 456 -0.27 9.39 -22.33
CA LEU A 456 -1.22 8.80 -21.41
C LEU A 456 -0.52 7.87 -20.44
N SER A 457 0.52 7.18 -20.91
CA SER A 457 1.27 6.28 -20.05
C SER A 457 1.83 7.03 -18.84
N ILE A 458 2.48 8.17 -19.06
CA ILE A 458 3.04 8.95 -17.96
C ILE A 458 1.92 9.51 -17.08
N ILE A 459 0.97 10.21 -17.70
CA ILE A 459 -0.02 10.94 -16.91
C ILE A 459 -1.00 10.01 -16.21
N ARG A 460 -1.07 8.74 -16.61
CA ARG A 460 -1.86 7.74 -15.92
C ARG A 460 -1.02 6.91 -14.97
N GLY A 461 0.28 6.81 -15.21
CA GLY A 461 1.14 6.22 -14.20
C GLY A 461 1.19 7.04 -12.94
N ILE A 462 1.10 8.36 -13.07
CA ILE A 462 1.04 9.21 -11.87
C ILE A 462 -0.21 8.89 -11.05
N VAL A 463 -1.37 8.95 -11.71
CA VAL A 463 -2.63 8.67 -11.04
C VAL A 463 -2.65 7.26 -10.48
N GLU A 464 -2.03 6.31 -11.18
CA GLU A 464 -2.01 4.93 -10.71
C GLU A 464 -1.10 4.77 -9.50
N GLN A 465 0.04 5.47 -9.50
CA GLN A 465 0.89 5.49 -8.32
C GLN A 465 0.11 5.96 -7.10
N GLU A 466 -0.67 7.02 -7.27
CA GLU A 466 -1.41 7.56 -6.12
C GLU A 466 -2.55 6.64 -5.70
N ILE A 467 -3.24 6.03 -6.67
CA ILE A 467 -4.31 5.10 -6.32
C ILE A 467 -3.73 3.88 -5.60
N GLN A 468 -2.57 3.40 -6.05
CA GLN A 468 -1.88 2.33 -5.35
C GLN A 468 -1.62 2.74 -3.90
N ALA A 469 -0.94 3.86 -3.71
CA ALA A 469 -0.60 4.28 -2.35
C ALA A 469 -1.85 4.45 -1.49
N MET A 470 -2.98 4.84 -2.09
CA MET A 470 -4.13 5.21 -1.29
C MET A 470 -5.12 4.08 -1.04
N VAL A 471 -5.14 3.04 -1.87
CA VAL A 471 -6.12 1.97 -1.70
C VAL A 471 -5.53 0.58 -1.73
N SER A 472 -4.29 0.38 -2.14
CA SER A 472 -3.75 -0.96 -2.25
C SER A 472 -3.58 -1.59 -0.88
N LYS A 473 -3.95 -2.87 -0.76
CA LYS A 473 -3.52 -3.67 0.37
C LYS A 473 -2.02 -3.84 0.27
N ARG A 474 -1.26 -3.09 1.08
CA ARG A 474 0.21 -3.25 1.10
C ARG A 474 0.52 -4.63 1.64
N GLU A 475 0.29 -5.68 0.84
CA GLU A 475 0.45 -7.04 1.32
C GLU A 475 1.86 -7.56 1.06
N ASN A 476 2.38 -7.33 -0.14
CA ASN A 476 3.77 -7.66 -0.41
C ASN A 476 4.73 -6.60 0.08
N ILE A 477 4.24 -5.58 0.77
CA ILE A 477 5.05 -4.46 1.23
C ILE A 477 4.95 -4.40 2.75
N ALA A 478 6.11 -4.28 3.40
CA ALA A 478 6.17 -4.23 4.86
C ALA A 478 6.38 -2.82 5.39
N THR A 479 7.31 -2.07 4.81
CA THR A 479 7.64 -0.75 5.34
C THR A 479 6.54 0.25 5.03
N HIS A 480 6.80 1.51 5.38
CA HIS A 480 5.85 2.59 5.22
C HIS A 480 5.99 3.33 3.90
N HIS A 481 7.07 3.08 3.16
CA HIS A 481 7.31 3.82 1.92
C HIS A 481 6.17 3.61 0.95
N LEU A 482 5.65 4.72 0.41
CA LEU A 482 4.43 4.66 -0.39
C LEU A 482 4.70 4.22 -1.82
N TYR A 483 5.62 4.90 -2.49
CA TYR A 483 5.84 4.71 -3.93
C TYR A 483 6.82 3.56 -4.13
N GLN A 484 6.38 2.39 -3.70
CA GLN A 484 7.18 1.19 -3.64
C GLN A 484 6.46 -0.04 -4.13
N ALA A 485 5.14 0.02 -4.32
CA ALA A 485 4.38 -1.15 -4.73
C ALA A 485 4.94 -1.78 -5.99
N TRP A 486 4.96 -3.11 -6.01
CA TRP A 486 5.44 -3.88 -7.13
C TRP A 486 4.46 -5.02 -7.37
N ASP A 487 4.66 -5.75 -8.46
CA ASP A 487 3.77 -6.83 -8.82
C ASP A 487 4.55 -8.09 -9.13
N PRO A 488 4.01 -9.26 -8.77
CA PRO A 488 4.74 -10.52 -8.92
C PRO A 488 4.55 -11.15 -10.30
N VAL A 489 4.89 -10.40 -11.34
CA VAL A 489 4.72 -10.88 -12.71
C VAL A 489 6.09 -11.04 -13.35
N PRO A 490 6.59 -12.29 -13.37
CA PRO A 490 7.84 -12.49 -13.95
C PRO A 490 7.63 -12.60 -15.43
N SER A 491 8.61 -12.22 -16.22
CA SER A 491 8.51 -12.27 -17.68
C SER A 491 8.63 -13.71 -18.14
N LEU A 492 7.86 -14.12 -19.14
CA LEU A 492 7.86 -15.55 -19.56
C LEU A 492 8.59 -15.67 -20.88
N SER A 493 9.64 -14.86 -21.04
CA SER A 493 10.49 -14.90 -22.26
C SER A 493 11.84 -15.56 -21.91
N GLY A 498 11.43 -15.47 -15.24
CA GLY A 498 12.53 -14.56 -15.57
C GLY A 498 12.51 -13.34 -14.67
N ALA A 499 13.22 -12.30 -15.06
CA ALA A 499 13.29 -11.15 -14.17
C ALA A 499 11.91 -10.55 -14.07
N LEU A 500 11.58 -10.02 -12.93
CA LEU A 500 10.29 -9.42 -12.67
C LEU A 500 10.02 -8.25 -13.61
N ILE A 501 8.79 -8.13 -14.06
CA ILE A 501 8.40 -7.05 -14.96
C ILE A 501 8.17 -5.79 -14.13
N SER A 502 8.77 -4.69 -14.55
CA SER A 502 8.63 -3.43 -13.83
C SER A 502 7.17 -3.02 -13.76
N HIS A 503 6.80 -2.37 -12.65
CA HIS A 503 5.39 -2.13 -12.39
C HIS A 503 4.78 -1.11 -13.34
N GLU A 504 5.58 -0.17 -13.85
CA GLU A 504 5.03 0.81 -14.76
C GLU A 504 4.77 0.25 -16.15
N LYS A 505 5.00 -1.03 -16.36
CA LYS A 505 4.66 -1.70 -17.62
C LYS A 505 3.46 -2.63 -17.47
N LEU A 506 2.83 -2.65 -16.31
CA LEU A 506 1.68 -3.48 -16.03
C LEU A 506 0.44 -2.63 -15.76
N LEU A 507 0.23 -1.60 -16.58
CA LEU A 507 -0.77 -0.60 -16.27
C LEU A 507 -2.16 -1.22 -16.11
N LEU A 508 -2.66 -1.85 -17.16
CA LEU A 508 -4.00 -2.42 -17.10
C LEU A 508 -3.96 -3.89 -17.48
N GLN A 509 -3.05 -4.65 -16.87
CA GLN A 509 -2.89 -6.07 -17.15
C GLN A 509 -3.35 -6.97 -16.02
N ILE A 510 -3.17 -6.54 -14.79
CA ILE A 510 -3.38 -7.45 -13.66
C ILE A 510 -4.83 -7.86 -13.53
N ASN A 511 -5.13 -9.11 -13.91
CA ASN A 511 -6.52 -9.67 -13.87
C ASN A 511 -7.44 -8.77 -13.04
N PRO A 512 -8.45 -8.14 -13.66
CA PRO A 512 -9.31 -7.21 -12.95
C PRO A 512 -10.30 -8.04 -12.11
N GLU A 513 -9.81 -8.92 -11.24
CA GLU A 513 -10.80 -9.63 -10.40
C GLU A 513 -10.22 -9.77 -9.04
N ARG A 514 -8.93 -9.55 -8.92
CA ARG A 514 -8.25 -9.56 -7.64
C ARG A 514 -8.17 -8.15 -7.09
N GLU A 515 -8.30 -8.04 -5.77
CA GLU A 515 -8.30 -6.74 -5.12
C GLU A 515 -6.96 -6.05 -5.32
N LEU A 516 -7.01 -4.73 -5.49
CA LEU A 516 -5.81 -3.95 -5.71
C LEU A 516 -4.87 -4.14 -4.53
N GLY A 517 -3.72 -4.74 -4.80
CA GLY A 517 -2.71 -4.98 -3.79
C GLY A 517 -2.76 -6.36 -3.15
N SER A 518 -3.81 -7.13 -3.40
CA SER A 518 -3.95 -8.46 -2.80
C SER A 518 -3.09 -9.46 -3.57
N MET A 519 -2.15 -10.10 -2.88
CA MET A 519 -1.20 -11.00 -3.51
C MET A 519 -1.37 -12.45 -3.08
N SER A 520 -2.47 -12.79 -2.42
CA SER A 520 -2.72 -14.17 -2.04
C SER A 520 -2.92 -15.02 -3.29
N TYR A 521 -3.09 -16.33 -3.10
CA TYR A 521 -3.37 -17.21 -4.22
C TYR A 521 -4.82 -17.01 -4.63
N LYS A 522 -5.03 -16.54 -5.86
CA LYS A 522 -6.36 -16.37 -6.42
C LYS A 522 -6.55 -17.39 -7.53
N LEU A 523 -7.71 -18.03 -7.54
CA LEU A 523 -8.00 -18.97 -8.61
C LEU A 523 -7.99 -18.23 -9.94
N GLY A 524 -7.17 -18.67 -10.86
CA GLY A 524 -6.84 -17.91 -12.03
C GLY A 524 -5.50 -17.24 -11.94
N GLN A 525 -4.61 -17.72 -11.07
CA GLN A 525 -3.33 -17.07 -10.85
C GLN A 525 -2.55 -16.96 -12.14
N VAL A 526 -2.17 -18.09 -12.72
CA VAL A 526 -1.41 -18.12 -13.96
C VAL A 526 -2.37 -18.32 -15.12
N SER A 527 -2.29 -17.43 -16.10
CA SER A 527 -3.09 -17.55 -17.31
C SER A 527 -2.65 -18.76 -18.11
N ILE A 528 -3.53 -19.21 -19.01
CA ILE A 528 -3.23 -20.39 -19.81
C ILE A 528 -2.22 -20.05 -20.90
N HIS A 529 -2.31 -18.86 -21.47
CA HIS A 529 -1.28 -18.40 -22.40
C HIS A 529 0.10 -18.53 -21.78
N SER A 530 0.23 -18.22 -20.50
CA SER A 530 1.52 -18.35 -19.82
C SER A 530 1.96 -19.81 -19.76
N VAL A 531 1.01 -20.72 -19.55
CA VAL A 531 1.33 -22.14 -19.53
C VAL A 531 1.85 -22.58 -20.90
N TRP A 532 1.20 -22.14 -21.97
CA TRP A 532 1.67 -22.48 -23.29
C TRP A 532 3.01 -21.83 -23.61
N LEU A 533 3.28 -20.67 -23.02
CA LEU A 533 4.44 -19.89 -23.44
C LEU A 533 5.70 -20.25 -22.67
N GLY A 534 5.62 -20.39 -21.35
CA GLY A 534 6.79 -20.67 -20.54
C GLY A 534 7.42 -21.99 -20.88
N ASN A 535 6.73 -23.08 -20.58
CA ASN A 535 7.12 -24.41 -21.02
C ASN A 535 6.37 -24.70 -22.31
N SER A 536 7.09 -24.76 -23.42
CA SER A 536 6.45 -24.69 -24.72
C SER A 536 5.51 -25.86 -24.95
N ILE A 537 4.21 -25.59 -24.88
CA ILE A 537 3.17 -26.58 -25.02
C ILE A 537 2.39 -26.25 -26.29
N THR A 538 2.39 -27.16 -27.23
CA THR A 538 1.68 -26.95 -28.49
C THR A 538 0.19 -27.10 -28.28
N PRO A 539 -0.61 -26.03 -28.41
CA PRO A 539 -2.07 -26.16 -28.27
C PRO A 539 -2.71 -26.85 -29.46
N LYS A 570 10.99 -25.74 -16.64
CA LYS A 570 11.73 -26.85 -16.05
C LYS A 570 11.38 -27.01 -14.57
N HIS A 571 12.38 -26.90 -13.72
CA HIS A 571 12.19 -26.94 -12.28
C HIS A 571 12.34 -25.54 -11.69
N ARG A 572 11.62 -25.29 -10.62
CA ARG A 572 11.51 -23.95 -10.05
C ARG A 572 12.73 -23.69 -9.19
N ALA A 573 12.74 -22.55 -8.51
CA ALA A 573 13.95 -21.99 -7.91
C ALA A 573 14.58 -22.99 -6.95
N GLY A 574 15.72 -23.54 -7.34
CA GLY A 574 16.53 -24.38 -6.48
C GLY A 574 15.95 -25.72 -6.12
N VAL A 575 14.67 -25.96 -6.41
CA VAL A 575 13.95 -27.12 -5.92
C VAL A 575 13.36 -27.86 -7.12
N ASP A 576 13.57 -29.16 -7.19
CA ASP A 576 13.07 -29.95 -8.31
C ASP A 576 11.57 -30.14 -8.19
N ILE A 577 10.79 -29.28 -8.87
CA ILE A 577 9.33 -29.36 -8.79
C ILE A 577 8.76 -30.35 -9.80
N HIS A 578 9.53 -30.79 -10.80
CA HIS A 578 8.99 -31.79 -11.69
C HIS A 578 8.75 -33.10 -10.97
N SER A 579 9.68 -33.51 -10.12
CA SER A 579 9.49 -34.74 -9.36
C SER A 579 8.32 -34.62 -8.40
N CYS A 580 8.21 -33.49 -7.72
CA CYS A 580 7.09 -33.29 -6.80
C CYS A 580 5.77 -33.31 -7.53
N SER A 581 5.69 -32.64 -8.68
CA SER A 581 4.45 -32.58 -9.43
C SER A 581 4.06 -33.96 -9.96
N GLN A 582 5.04 -34.71 -10.48
CA GLN A 582 4.73 -36.04 -11.00
C GLN A 582 4.33 -36.99 -9.89
N PHE A 583 5.04 -36.94 -8.76
CA PHE A 583 4.69 -37.78 -7.62
C PHE A 583 3.29 -37.47 -7.13
N LEU A 584 2.96 -36.19 -7.00
CA LEU A 584 1.64 -35.80 -6.55
C LEU A 584 0.58 -36.23 -7.56
N LEU A 585 0.87 -36.12 -8.85
CA LEU A 585 -0.12 -36.46 -9.86
C LEU A 585 -0.39 -37.97 -9.85
N GLU A 586 0.66 -38.78 -9.74
CA GLU A 586 0.45 -40.22 -9.67
C GLU A 586 -0.26 -40.61 -8.38
N LEU A 587 0.16 -40.04 -7.25
CA LEU A 587 -0.45 -40.40 -5.98
C LEU A 587 -1.88 -39.90 -5.87
N TYR A 588 -2.22 -38.84 -6.58
CA TYR A 588 -3.60 -38.36 -6.57
C TYR A 588 -4.48 -39.17 -7.51
N SER A 589 -3.97 -39.46 -8.71
CA SER A 589 -4.76 -40.22 -9.67
C SER A 589 -5.08 -41.61 -9.13
N ARG A 590 -4.12 -42.25 -8.50
CA ARG A 590 -4.29 -43.57 -7.90
C ARG A 590 -5.06 -43.53 -6.60
N TRP A 591 -5.56 -42.36 -6.22
CA TRP A 591 -6.22 -42.18 -4.92
C TRP A 591 -7.65 -41.70 -5.00
N ILE A 592 -8.11 -41.22 -6.16
CA ILE A 592 -9.47 -40.75 -6.29
C ILE A 592 -10.27 -41.55 -7.30
N LEU A 593 -9.62 -42.26 -8.23
CA LEU A 593 -10.37 -43.08 -9.18
C LEU A 593 -10.98 -44.30 -8.50
N PRO A 594 -10.24 -45.12 -7.74
CA PRO A 594 -10.96 -46.18 -7.02
C PRO A 594 -11.60 -45.67 -5.73
N ARG A 600 -12.83 -46.53 -1.61
CA ARG A 600 -13.87 -45.93 -0.80
C ARG A 600 -13.38 -44.65 -0.14
N THR A 601 -12.60 -43.88 -0.88
CA THR A 601 -12.02 -42.66 -0.32
C THR A 601 -13.13 -41.70 0.07
N PRO A 602 -13.12 -41.17 1.31
CA PRO A 602 -14.22 -40.31 1.75
C PRO A 602 -14.30 -39.04 0.92
N ALA A 603 -15.45 -38.37 1.03
CA ALA A 603 -15.71 -37.20 0.19
C ALA A 603 -14.80 -36.04 0.57
N ILE A 604 -14.64 -35.77 1.86
CA ILE A 604 -13.79 -34.67 2.29
C ILE A 604 -12.34 -34.91 1.95
N LEU A 605 -11.98 -36.11 1.51
CA LEU A 605 -10.65 -36.37 0.99
C LEU A 605 -10.57 -36.17 -0.52
N ILE A 606 -11.60 -36.61 -1.25
CA ILE A 606 -11.61 -36.43 -2.70
C ILE A 606 -11.66 -34.96 -3.05
N SER A 607 -12.48 -34.19 -2.34
CA SER A 607 -12.57 -32.76 -2.62
C SER A 607 -11.24 -32.07 -2.38
N GLU A 608 -10.52 -32.46 -1.32
CA GLU A 608 -9.24 -31.83 -1.03
C GLU A 608 -8.17 -32.28 -2.02
N VAL A 609 -8.20 -33.53 -2.47
CA VAL A 609 -7.25 -33.93 -3.50
C VAL A 609 -7.51 -33.16 -4.80
N VAL A 610 -8.78 -32.92 -5.13
CA VAL A 610 -9.08 -32.18 -6.36
C VAL A 610 -8.65 -30.72 -6.21
N ARG A 611 -8.88 -30.13 -5.05
CA ARG A 611 -8.42 -28.77 -4.80
C ARG A 611 -6.91 -28.69 -4.89
N SER A 612 -6.22 -29.68 -4.35
CA SER A 612 -4.76 -29.68 -4.42
C SER A 612 -4.29 -29.86 -5.85
N LEU A 613 -5.00 -30.66 -6.64
CA LEU A 613 -4.64 -30.81 -8.05
C LEU A 613 -4.82 -29.50 -8.79
N LEU A 614 -5.95 -28.83 -8.58
CA LEU A 614 -6.19 -27.55 -9.21
C LEU A 614 -5.13 -26.53 -8.81
N VAL A 615 -4.71 -26.54 -7.55
CA VAL A 615 -3.74 -25.57 -7.09
C VAL A 615 -2.34 -25.90 -7.59
N VAL A 616 -1.99 -27.18 -7.72
CA VAL A 616 -0.66 -27.55 -8.18
C VAL A 616 -0.54 -27.46 -9.69
N SER A 617 -1.66 -27.58 -10.42
CA SER A 617 -1.64 -27.55 -11.87
C SER A 617 -1.10 -26.23 -12.41
N ASP A 618 -0.82 -25.30 -11.50
CA ASP A 618 -0.05 -24.11 -11.85
C ASP A 618 1.43 -24.42 -11.99
N LEU A 619 1.87 -25.59 -11.54
CA LEU A 619 3.27 -25.99 -11.64
C LEU A 619 3.48 -27.16 -12.59
N PHE A 620 2.42 -27.70 -13.19
CA PHE A 620 2.59 -28.73 -14.19
C PHE A 620 3.30 -28.15 -15.41
N THR A 621 4.24 -28.91 -15.95
CA THR A 621 5.05 -28.47 -17.08
C THR A 621 4.75 -29.24 -18.36
N GLU A 622 4.82 -30.56 -18.33
CA GLU A 622 4.57 -31.34 -19.52
C GLU A 622 3.11 -31.26 -19.91
N ARG A 623 2.79 -31.80 -21.09
CA ARG A 623 1.41 -31.89 -21.53
C ARG A 623 0.78 -33.22 -21.14
N ASN A 624 1.58 -34.25 -20.92
CA ASN A 624 1.04 -35.51 -20.43
C ASN A 624 0.55 -35.39 -19.00
N GLN A 625 1.16 -34.50 -18.20
CA GLN A 625 0.63 -34.22 -16.88
C GLN A 625 -0.78 -33.67 -16.96
N PHE A 626 -0.99 -32.68 -17.84
CA PHE A 626 -2.32 -32.11 -18.00
C PHE A 626 -3.28 -33.11 -18.59
N GLU A 627 -2.82 -34.00 -19.47
CA GLU A 627 -3.73 -35.00 -20.03
C GLU A 627 -4.13 -36.02 -18.98
N LEU A 628 -3.19 -36.46 -18.15
CA LEU A 628 -3.52 -37.36 -17.05
C LEU A 628 -4.49 -36.68 -16.09
N MET A 629 -4.24 -35.42 -15.76
CA MET A 629 -5.16 -34.67 -14.91
C MET A 629 -6.55 -34.63 -15.51
N TYR A 630 -6.63 -34.39 -16.83
CA TYR A 630 -7.95 -34.30 -17.45
C TYR A 630 -8.67 -35.63 -17.44
N VAL A 631 -7.97 -36.73 -17.74
CA VAL A 631 -8.65 -38.03 -17.78
C VAL A 631 -9.06 -38.45 -16.37
N THR A 632 -8.22 -38.17 -15.38
CA THR A 632 -8.58 -38.44 -14.00
C THR A 632 -9.85 -37.69 -13.62
N LEU A 633 -9.90 -36.40 -13.94
CA LEU A 633 -11.03 -35.60 -13.51
C LEU A 633 -12.31 -35.97 -14.24
N THR A 634 -12.23 -36.35 -15.51
CA THR A 634 -13.46 -36.73 -16.20
C THR A 634 -13.94 -38.11 -15.74
N GLU A 635 -13.03 -39.03 -15.45
CA GLU A 635 -13.47 -40.29 -14.87
C GLU A 635 -14.07 -40.08 -13.49
N LEU A 636 -13.53 -39.14 -12.72
CA LEU A 636 -14.11 -38.83 -11.41
C LEU A 636 -15.51 -38.25 -11.57
N ARG A 637 -15.68 -37.32 -12.52
CA ARG A 637 -17.01 -36.81 -12.82
C ARG A 637 -17.97 -37.94 -13.14
N ARG A 638 -17.52 -38.89 -13.97
CA ARG A 638 -18.40 -39.98 -14.37
C ARG A 638 -18.73 -40.91 -13.20
N VAL A 639 -17.78 -41.10 -12.29
CA VAL A 639 -17.97 -42.04 -11.19
C VAL A 639 -18.68 -41.36 -10.01
N HIS A 640 -18.20 -40.20 -9.61
CA HIS A 640 -18.76 -39.51 -8.46
C HIS A 640 -20.23 -39.16 -8.72
N PRO A 641 -21.09 -39.18 -7.71
CA PRO A 641 -22.48 -38.79 -7.94
C PRO A 641 -22.61 -37.28 -8.10
N SER A 642 -23.76 -36.82 -8.60
CA SER A 642 -23.97 -35.39 -8.77
C SER A 642 -24.14 -34.66 -7.45
N GLU A 643 -24.53 -35.37 -6.39
CA GLU A 643 -24.79 -34.76 -5.09
C GLU A 643 -23.49 -34.62 -4.31
N ASP A 644 -22.60 -33.76 -4.83
CA ASP A 644 -21.40 -33.40 -4.10
C ASP A 644 -21.40 -31.95 -3.67
N GLU A 645 -21.55 -31.01 -4.60
CA GLU A 645 -21.82 -29.61 -4.31
C GLU A 645 -20.62 -28.91 -3.68
N ILE A 646 -19.61 -29.67 -3.27
CA ILE A 646 -18.43 -29.10 -2.63
C ILE A 646 -17.22 -29.67 -3.34
N LEU A 647 -17.46 -30.64 -4.22
CA LEU A 647 -16.43 -31.13 -5.12
C LEU A 647 -16.42 -30.37 -6.43
N ALA A 648 -17.59 -29.87 -6.85
CA ALA A 648 -17.69 -29.18 -8.13
C ALA A 648 -16.88 -27.89 -8.14
N GLN A 649 -16.79 -27.21 -6.99
CA GLN A 649 -16.09 -25.93 -6.95
C GLN A 649 -14.65 -26.07 -7.40
N TYR A 650 -14.08 -27.26 -7.24
CA TYR A 650 -12.75 -27.55 -7.72
C TYR A 650 -12.73 -28.49 -8.93
N LEU A 651 -13.82 -29.22 -9.16
CA LEU A 651 -13.88 -30.09 -10.32
C LEU A 651 -14.00 -29.28 -11.61
N VAL A 652 -14.77 -28.20 -11.59
CA VAL A 652 -15.03 -27.44 -12.81
C VAL A 652 -13.82 -26.60 -13.21
N PRO A 653 -13.24 -25.76 -12.34
CA PRO A 653 -12.07 -25.00 -12.79
C PRO A 653 -10.86 -25.85 -13.10
N ALA A 654 -10.67 -26.97 -12.42
CA ALA A 654 -9.53 -27.83 -12.74
C ALA A 654 -9.72 -28.51 -14.09
N THR A 655 -10.93 -29.02 -14.36
CA THR A 655 -11.20 -29.62 -15.67
C THR A 655 -11.08 -28.58 -16.77
N CYS A 656 -11.54 -27.36 -16.52
CA CYS A 656 -11.41 -26.32 -17.53
C CYS A 656 -9.95 -25.96 -17.77
N LYS A 657 -9.15 -25.86 -16.71
CA LYS A 657 -7.73 -25.55 -16.89
C LYS A 657 -7.02 -26.63 -17.68
N ALA A 658 -7.29 -27.90 -17.36
CA ALA A 658 -6.69 -28.98 -18.12
C ALA A 658 -7.16 -28.96 -19.58
N ALA A 659 -8.47 -28.98 -19.78
CA ALA A 659 -9.02 -29.08 -21.13
C ALA A 659 -8.64 -27.89 -22.00
N ALA A 660 -8.38 -26.74 -21.39
CA ALA A 660 -8.00 -25.56 -22.15
C ALA A 660 -6.51 -25.33 -22.17
N VAL A 661 -5.71 -26.14 -21.49
CA VAL A 661 -4.29 -26.18 -21.81
C VAL A 661 -4.04 -27.14 -22.96
N LEU A 662 -4.92 -28.12 -23.13
CA LEU A 662 -4.82 -29.06 -24.24
C LEU A 662 -5.26 -28.41 -25.54
N GLY A 663 -5.42 -27.09 -25.53
CA GLY A 663 -5.89 -26.39 -26.71
C GLY A 663 -7.29 -26.80 -27.08
N MET A 664 -8.28 -26.45 -26.24
CA MET A 664 -9.60 -27.06 -26.23
C MET A 664 -10.12 -27.44 -27.62
N ASP A 665 -10.35 -28.73 -27.82
CA ASP A 665 -10.62 -29.32 -29.11
C ASP A 665 -12.06 -29.80 -29.20
N LYS A 666 -12.39 -30.51 -30.26
CA LYS A 666 -13.74 -31.02 -30.45
C LYS A 666 -13.92 -32.43 -29.93
N ALA A 667 -12.88 -33.27 -30.00
CA ALA A 667 -13.06 -34.68 -29.70
C ALA A 667 -13.50 -34.90 -28.26
N VAL A 668 -12.61 -34.61 -27.30
CA VAL A 668 -12.84 -34.92 -25.90
C VAL A 668 -12.97 -33.65 -25.07
N ALA A 669 -12.23 -32.61 -25.42
CA ALA A 669 -12.30 -31.35 -24.69
C ALA A 669 -13.54 -30.53 -25.03
N GLU A 670 -14.49 -31.10 -25.75
CA GLU A 670 -15.72 -30.42 -26.10
C GLU A 670 -16.75 -30.48 -24.98
N PRO A 671 -17.02 -31.64 -24.33
CA PRO A 671 -18.00 -31.65 -23.24
C PRO A 671 -17.44 -31.06 -21.95
N VAL A 672 -16.73 -29.96 -22.11
CA VAL A 672 -16.51 -29.02 -21.02
C VAL A 672 -17.56 -27.92 -21.07
N SER A 673 -18.06 -27.62 -22.27
CA SER A 673 -19.17 -26.69 -22.41
C SER A 673 -20.42 -27.21 -21.72
N ARG A 674 -20.70 -28.50 -21.84
CA ARG A 674 -21.85 -29.07 -21.15
C ARG A 674 -21.69 -28.97 -19.64
N LEU A 675 -20.49 -29.28 -19.15
CA LEU A 675 -20.22 -29.15 -17.72
C LEU A 675 -20.43 -27.73 -17.24
N LEU A 676 -19.93 -26.75 -18.00
CA LEU A 676 -20.08 -25.34 -17.62
C LEU A 676 -21.54 -24.91 -17.63
N GLU A 677 -22.27 -25.26 -18.69
CA GLU A 677 -23.69 -24.96 -18.74
C GLU A 677 -24.42 -25.55 -17.56
N SER A 678 -24.06 -26.77 -17.16
CA SER A 678 -24.77 -27.41 -16.07
C SER A 678 -24.42 -26.77 -14.73
N THR A 679 -23.16 -26.38 -14.54
CA THR A 679 -22.76 -25.84 -13.25
C THR A 679 -23.13 -24.38 -13.08
N LEU A 680 -23.38 -23.66 -14.17
CA LEU A 680 -23.80 -22.26 -14.01
C LEU A 680 -25.24 -22.14 -13.54
N ARG A 681 -26.07 -23.17 -13.74
CA ARG A 681 -27.39 -23.21 -13.13
C ARG A 681 -27.32 -24.04 -11.86
N SER A 682 -26.52 -23.56 -10.92
CA SER A 682 -26.32 -24.22 -9.64
C SER A 682 -27.25 -23.64 -8.60
N SER A 683 -27.13 -24.15 -7.38
CA SER A 683 -27.93 -23.66 -6.28
C SER A 683 -27.12 -22.91 -5.24
N HIS A 684 -25.81 -23.14 -5.17
CA HIS A 684 -24.97 -22.45 -4.20
C HIS A 684 -23.81 -21.79 -4.91
N LEU A 685 -23.40 -20.64 -4.39
CA LEU A 685 -22.56 -19.69 -5.13
C LEU A 685 -21.19 -20.24 -5.52
N PRO A 686 -20.40 -20.84 -4.62
CA PRO A 686 -19.02 -21.16 -4.99
C PRO A 686 -18.91 -22.04 -6.22
N SER A 687 -19.87 -22.91 -6.47
CA SER A 687 -19.85 -23.69 -7.71
C SER A 687 -19.93 -22.78 -8.92
N ARG A 688 -20.72 -21.71 -8.85
CA ARG A 688 -20.83 -20.80 -9.97
C ARG A 688 -19.62 -19.89 -10.10
N VAL A 689 -19.01 -19.49 -8.98
CA VAL A 689 -17.76 -18.75 -9.10
C VAL A 689 -16.66 -19.62 -9.71
N GLY A 690 -16.64 -20.90 -9.35
CA GLY A 690 -15.69 -21.82 -9.96
C GLY A 690 -15.98 -22.04 -11.43
N ALA A 691 -17.27 -22.08 -11.80
CA ALA A 691 -17.64 -22.21 -13.21
C ALA A 691 -17.20 -20.98 -14.00
N LEU A 692 -17.30 -19.79 -13.39
CA LEU A 692 -16.88 -18.59 -14.09
C LEU A 692 -15.35 -18.53 -14.22
N HIS A 693 -14.63 -18.98 -13.20
CA HIS A 693 -13.19 -19.08 -13.37
C HIS A 693 -12.82 -20.11 -14.42
N GLY A 694 -13.61 -21.18 -14.54
CA GLY A 694 -13.36 -22.15 -15.60
C GLY A 694 -13.66 -21.59 -16.98
N ILE A 695 -14.72 -20.80 -17.09
CA ILE A 695 -15.01 -20.12 -18.35
C ILE A 695 -13.87 -19.19 -18.73
N LEU A 696 -13.37 -18.42 -17.77
CA LEU A 696 -12.23 -17.55 -18.05
C LEU A 696 -11.00 -18.36 -18.43
N TYR A 697 -10.98 -19.59 -17.98
CA TYR A 697 -9.84 -20.45 -18.31
C TYR A 697 -10.00 -20.88 -19.77
N VAL A 698 -11.24 -21.07 -20.20
CA VAL A 698 -11.45 -21.61 -21.56
C VAL A 698 -11.10 -20.53 -22.59
N LEU A 699 -11.85 -19.43 -22.57
CA LEU A 699 -11.63 -18.39 -23.62
C LEU A 699 -10.17 -17.97 -23.68
N GLU A 700 -9.40 -18.23 -22.63
CA GLU A 700 -7.99 -17.73 -22.57
C GLU A 700 -7.35 -17.69 -23.95
N CYS A 701 -7.57 -18.71 -24.75
CA CYS A 701 -7.04 -18.68 -26.14
C CYS A 701 -7.55 -19.95 -26.79
N ASP A 702 -8.41 -20.67 -26.06
CA ASP A 702 -9.09 -21.71 -26.81
C ASP A 702 -10.00 -21.06 -27.84
N LEU A 703 -10.27 -21.71 -28.96
CA LEU A 703 -11.31 -21.13 -29.85
C LEU A 703 -12.58 -21.64 -29.18
N LEU A 704 -12.71 -21.49 -27.86
CA LEU A 704 -13.90 -21.94 -27.10
C LEU A 704 -14.87 -22.78 -27.98
N ASP A 705 -15.13 -24.02 -27.64
CA ASP A 705 -16.07 -24.81 -28.46
C ASP A 705 -15.38 -25.07 -29.81
N ASP A 706 -14.72 -24.08 -30.45
CA ASP A 706 -14.08 -24.19 -31.80
C ASP A 706 -15.07 -23.63 -32.79
N THR A 707 -15.39 -22.35 -32.70
CA THR A 707 -16.46 -21.78 -33.56
C THR A 707 -17.66 -22.68 -33.45
N ALA A 708 -17.69 -23.39 -32.34
CA ALA A 708 -18.90 -24.13 -31.97
C ALA A 708 -19.28 -23.31 -30.76
N LYS A 709 -18.56 -22.17 -30.48
CA LYS A 709 -18.94 -21.20 -29.40
C LYS A 709 -20.46 -21.10 -29.24
N GLN A 710 -21.05 -21.99 -28.47
CA GLN A 710 -22.48 -21.93 -28.13
C GLN A 710 -22.44 -21.73 -26.63
N LEU A 711 -21.24 -21.66 -26.09
CA LEU A 711 -21.09 -21.27 -24.67
C LEU A 711 -21.27 -19.76 -24.57
N ILE A 712 -20.77 -19.02 -25.56
CA ILE A 712 -20.85 -17.53 -25.53
C ILE A 712 -22.28 -17.12 -25.16
N PRO A 713 -23.34 -17.34 -25.98
CA PRO A 713 -24.69 -16.89 -25.61
C PRO A 713 -25.01 -17.24 -24.18
N VAL A 714 -24.58 -18.41 -23.69
CA VAL A 714 -24.89 -18.80 -22.33
C VAL A 714 -24.14 -17.91 -21.35
N ILE A 715 -22.85 -17.70 -21.57
CA ILE A 715 -22.08 -16.85 -20.67
C ILE A 715 -22.67 -15.45 -20.62
N SER A 716 -23.01 -14.90 -21.79
CA SER A 716 -23.51 -13.53 -21.83
C SER A 716 -24.89 -13.42 -21.20
N ASP A 717 -25.76 -14.41 -21.42
CA ASP A 717 -27.08 -14.34 -20.80
C ASP A 717 -26.97 -14.45 -19.29
N TYR A 718 -26.10 -15.32 -18.78
CA TYR A 718 -25.90 -15.41 -17.34
C TYR A 718 -25.34 -14.10 -16.79
N LEU A 719 -24.34 -13.53 -17.46
CA LEU A 719 -23.71 -12.31 -16.96
C LEU A 719 -24.68 -11.15 -16.95
N LEU A 720 -25.47 -11.00 -18.01
CA LEU A 720 -26.46 -9.93 -18.04
C LEU A 720 -27.53 -10.13 -16.97
N SER A 721 -28.10 -11.33 -16.89
CA SER A 721 -29.18 -11.55 -15.93
C SER A 721 -28.71 -11.37 -14.49
N ASN A 722 -27.46 -11.74 -14.18
CA ASN A 722 -26.99 -11.68 -12.80
C ASN A 722 -26.12 -10.47 -12.52
N LEU A 723 -25.93 -9.57 -13.47
CA LEU A 723 -25.33 -8.27 -13.19
C LEU A 723 -26.36 -7.15 -13.24
N LYS A 724 -27.47 -7.33 -13.96
CA LYS A 724 -28.53 -6.35 -13.92
C LYS A 724 -29.15 -6.24 -12.55
N GLY A 725 -29.21 -7.35 -11.81
CA GLY A 725 -29.73 -7.29 -10.46
C GLY A 725 -28.76 -6.66 -9.49
N ILE A 726 -27.51 -7.11 -9.50
CA ILE A 726 -26.49 -6.59 -8.58
C ILE A 726 -25.83 -5.43 -9.28
N ALA A 727 -26.52 -4.30 -9.29
CA ALA A 727 -25.91 -3.03 -9.69
C ALA A 727 -26.32 -1.85 -8.80
N HIS A 728 -27.47 -1.92 -8.13
CA HIS A 728 -27.90 -0.87 -7.22
C HIS A 728 -27.47 -1.13 -5.79
N CYS A 729 -27.58 -2.37 -5.34
CA CYS A 729 -27.12 -2.78 -4.01
C CYS A 729 -26.07 -3.86 -4.20
N VAL A 730 -24.81 -3.47 -4.05
CA VAL A 730 -23.70 -4.37 -4.33
C VAL A 730 -23.02 -4.90 -3.07
N ASN A 731 -22.95 -4.12 -2.00
CA ASN A 731 -22.33 -4.60 -0.78
C ASN A 731 -23.09 -5.76 -0.16
N ILE A 732 -24.34 -5.97 -0.57
CA ILE A 732 -25.12 -7.07 -0.02
C ILE A 732 -24.64 -8.40 -0.61
N HIS A 733 -24.43 -8.45 -1.91
CA HIS A 733 -24.04 -9.67 -2.59
C HIS A 733 -22.53 -9.86 -2.51
N SER A 734 -22.09 -11.10 -2.71
CA SER A 734 -20.69 -11.44 -2.49
C SER A 734 -19.80 -10.68 -3.46
N GLN A 735 -18.59 -10.34 -2.99
CA GLN A 735 -17.68 -9.53 -3.80
C GLN A 735 -16.88 -10.35 -4.78
N GLN A 736 -16.57 -11.61 -4.44
CA GLN A 736 -15.88 -12.45 -5.40
C GLN A 736 -16.75 -12.73 -6.61
N HIS A 737 -18.04 -12.93 -6.40
CA HIS A 737 -18.94 -13.16 -7.52
C HIS A 737 -18.97 -11.96 -8.43
N VAL A 738 -19.15 -10.76 -7.87
CA VAL A 738 -19.24 -9.56 -8.70
C VAL A 738 -17.92 -9.31 -9.41
N LEU A 739 -16.80 -9.51 -8.72
CA LEU A 739 -15.50 -9.29 -9.35
C LEU A 739 -15.28 -10.23 -10.51
N VAL A 740 -15.60 -11.52 -10.35
CA VAL A 740 -15.34 -12.44 -11.44
C VAL A 740 -16.36 -12.28 -12.55
N MET A 741 -17.59 -11.84 -12.24
CA MET A 741 -18.53 -11.53 -13.30
C MET A 741 -18.04 -10.36 -14.13
N CYS A 742 -17.54 -9.31 -13.48
CA CYS A 742 -17.02 -8.18 -14.22
C CYS A 742 -15.79 -8.58 -15.05
N ALA A 743 -14.91 -9.40 -14.48
CA ALA A 743 -13.72 -9.82 -15.22
C ALA A 743 -14.10 -10.63 -16.45
N THR A 744 -15.06 -11.54 -16.31
CA THR A 744 -15.54 -12.30 -17.46
C THR A 744 -16.19 -11.40 -18.50
N ALA A 745 -16.98 -10.43 -18.06
CA ALA A 745 -17.66 -9.55 -19.00
C ALA A 745 -16.65 -8.69 -19.76
N PHE A 746 -15.64 -8.19 -19.08
CA PHE A 746 -14.63 -7.38 -19.76
C PHE A 746 -13.80 -8.22 -20.72
N TYR A 747 -13.47 -9.45 -20.34
CA TYR A 747 -12.74 -10.31 -21.26
C TYR A 747 -13.59 -10.62 -22.48
N LEU A 748 -14.88 -10.85 -22.30
CA LEU A 748 -15.75 -11.10 -23.44
C LEU A 748 -15.81 -9.88 -24.36
N ILE A 749 -16.02 -8.70 -23.79
CA ILE A 749 -16.18 -7.51 -24.61
C ILE A 749 -14.89 -7.19 -25.35
N GLU A 750 -13.74 -7.41 -24.72
CA GLU A 750 -12.49 -7.03 -25.34
C GLU A 750 -11.93 -8.09 -26.28
N ASN A 751 -12.26 -9.36 -26.08
CA ASN A 751 -11.66 -10.42 -26.88
C ASN A 751 -12.64 -11.15 -27.78
N TYR A 752 -13.94 -11.07 -27.49
CA TYR A 752 -14.96 -11.72 -28.32
C TYR A 752 -16.01 -10.69 -28.71
N PRO A 753 -15.61 -9.51 -29.24
CA PRO A 753 -16.58 -8.42 -29.46
C PRO A 753 -17.50 -8.60 -30.66
N LEU A 754 -17.55 -9.82 -31.21
CA LEU A 754 -18.40 -9.96 -32.41
C LEU A 754 -19.41 -11.04 -32.08
N ASP A 755 -19.12 -11.84 -31.07
CA ASP A 755 -20.04 -12.89 -30.63
C ASP A 755 -20.79 -12.39 -29.40
N VAL A 756 -20.12 -11.65 -28.53
CA VAL A 756 -20.78 -11.06 -27.34
C VAL A 756 -21.70 -10.02 -27.90
N GLY A 757 -22.63 -10.41 -28.73
CA GLY A 757 -23.46 -9.38 -29.36
C GLY A 757 -22.76 -8.06 -29.68
N PRO A 758 -23.50 -6.94 -29.78
CA PRO A 758 -22.93 -5.60 -29.95
C PRO A 758 -23.14 -4.75 -28.69
N GLU A 759 -24.34 -4.19 -28.52
CA GLU A 759 -24.65 -3.36 -27.33
C GLU A 759 -24.33 -4.12 -26.05
N PHE A 760 -24.20 -5.46 -26.14
CA PHE A 760 -23.82 -6.26 -24.95
C PHE A 760 -22.82 -5.48 -24.11
N SER A 761 -21.79 -4.90 -24.74
CA SER A 761 -20.84 -4.02 -24.03
C SER A 761 -21.61 -2.89 -23.35
N ALA A 762 -22.18 -1.97 -24.13
CA ALA A 762 -22.93 -0.82 -23.57
C ALA A 762 -23.79 -1.29 -22.39
N SER A 763 -24.47 -2.42 -22.54
CA SER A 763 -25.35 -2.94 -21.46
C SER A 763 -24.60 -2.93 -20.12
N ILE A 764 -23.38 -3.47 -20.10
CA ILE A 764 -22.59 -3.54 -18.84
C ILE A 764 -21.81 -2.24 -18.67
N ILE A 765 -21.75 -1.41 -19.71
CA ILE A 765 -21.04 -0.12 -19.64
C ILE A 765 -22.10 0.71 -18.97
N GLN A 766 -23.29 0.13 -18.80
CA GLN A 766 -24.34 0.76 -17.99
C GLN A 766 -24.26 0.02 -16.68
N MET A 767 -24.32 -1.31 -16.67
CA MET A 767 -24.14 -1.89 -15.34
C MET A 767 -22.98 -1.23 -14.60
N CYS A 768 -21.86 -1.03 -15.29
CA CYS A 768 -20.74 -0.37 -14.66
C CYS A 768 -21.04 1.09 -14.36
N GLY A 769 -21.95 1.69 -15.11
CA GLY A 769 -22.36 3.05 -14.78
C GLY A 769 -23.19 3.11 -13.51
N VAL A 770 -24.19 2.22 -13.40
CA VAL A 770 -24.99 2.17 -12.19
C VAL A 770 -24.21 1.66 -11.00
N MET A 771 -23.06 1.03 -11.23
CA MET A 771 -22.21 0.61 -10.10
C MET A 771 -21.20 1.66 -9.69
N LEU A 772 -20.57 2.35 -10.65
CA LEU A 772 -19.61 3.38 -10.30
C LEU A 772 -20.29 4.60 -9.70
N SER A 773 -21.53 4.87 -10.09
CA SER A 773 -22.24 6.06 -9.63
C SER A 773 -22.97 5.85 -8.32
N GLY A 774 -22.65 4.78 -7.59
CA GLY A 774 -23.30 4.55 -6.31
C GLY A 774 -22.56 5.19 -5.16
N SER A 775 -23.28 5.37 -4.05
CA SER A 775 -22.71 5.95 -2.86
C SER A 775 -21.66 5.02 -2.27
N GLU A 776 -20.80 5.60 -1.42
CA GLU A 776 -19.70 4.83 -0.82
C GLU A 776 -20.20 3.64 -0.02
N GLU A 777 -21.49 3.59 0.32
CA GLU A 777 -22.05 2.43 0.97
C GLU A 777 -22.57 1.40 -0.02
N SER A 778 -23.16 1.85 -1.13
CA SER A 778 -23.78 0.95 -2.07
C SER A 778 -22.78 0.32 -3.03
N THR A 779 -21.53 0.77 -3.01
CA THR A 779 -20.49 0.21 -3.88
C THR A 779 -19.17 0.19 -3.14
N PRO A 780 -18.75 -0.97 -2.64
CA PRO A 780 -17.48 -1.06 -1.92
C PRO A 780 -16.33 -0.57 -2.77
N SER A 781 -15.23 -0.23 -2.10
CA SER A 781 -14.12 0.43 -2.79
C SER A 781 -13.46 -0.50 -3.79
N ILE A 782 -13.28 -1.77 -3.44
CA ILE A 782 -12.54 -2.65 -4.34
C ILE A 782 -13.36 -2.98 -5.58
N ILE A 783 -14.69 -3.03 -5.46
CA ILE A 783 -15.52 -3.27 -6.63
C ILE A 783 -15.58 -2.02 -7.50
N TYR A 784 -15.65 -0.84 -6.88
CA TYR A 784 -15.54 0.40 -7.62
C TYR A 784 -14.26 0.44 -8.43
N HIS A 785 -13.14 0.15 -7.79
CA HIS A 785 -11.86 0.22 -8.50
C HIS A 785 -11.72 -0.85 -9.55
N CYS A 786 -12.25 -2.03 -9.37
CA CYS A 786 -12.19 -3.03 -10.46
C CYS A 786 -12.99 -2.46 -11.58
N ALA A 787 -14.27 -2.29 -11.36
CA ALA A 787 -15.08 -1.88 -12.50
C ALA A 787 -14.46 -0.70 -13.23
N LEU A 788 -13.91 0.26 -12.48
CA LEU A 788 -13.37 1.45 -13.12
C LEU A 788 -12.12 1.14 -13.92
N ARG A 789 -11.21 0.35 -13.36
CA ARG A 789 -9.98 0.00 -14.08
C ARG A 789 -10.28 -0.91 -15.26
N GLY A 790 -11.26 -1.80 -15.13
CA GLY A 790 -11.64 -2.62 -16.27
C GLY A 790 -12.26 -1.80 -17.38
N LEU A 791 -13.11 -0.83 -17.04
CA LEU A 791 -13.64 0.07 -18.05
C LEU A 791 -12.54 0.88 -18.70
N GLU A 792 -11.56 1.30 -17.91
CA GLU A 792 -10.43 2.03 -18.46
C GLU A 792 -9.68 1.19 -19.47
N ARG A 793 -9.54 -0.11 -19.22
CA ARG A 793 -8.90 -0.97 -20.21
C ARG A 793 -9.79 -1.17 -21.44
N LEU A 794 -11.09 -1.40 -21.22
CA LEU A 794 -12.01 -1.59 -22.34
C LEU A 794 -11.97 -0.42 -23.29
N LEU A 795 -11.98 0.80 -22.75
CA LEU A 795 -11.84 1.98 -23.60
C LEU A 795 -10.44 2.08 -24.19
N LEU A 796 -9.41 1.78 -23.40
CA LEU A 796 -8.05 1.91 -23.88
C LEU A 796 -7.73 0.87 -24.93
N SER A 797 -8.34 -0.30 -24.86
CA SER A 797 -8.25 -1.25 -25.96
C SER A 797 -9.18 -0.81 -27.08
N GLU A 798 -8.71 -0.86 -28.33
CA GLU A 798 -9.51 -0.32 -29.47
C GLU A 798 -10.69 -1.22 -29.85
N GLN A 799 -11.00 -2.23 -29.03
CA GLN A 799 -12.06 -3.18 -29.36
C GLN A 799 -13.43 -2.67 -28.91
N LEU A 800 -13.76 -1.44 -29.29
CA LEU A 800 -15.01 -0.82 -28.88
C LEU A 800 -15.60 -0.05 -30.04
N SER A 801 -16.93 -0.07 -30.15
CA SER A 801 -17.61 0.78 -31.10
C SER A 801 -17.62 2.21 -30.58
N ARG A 802 -17.81 3.17 -31.50
CA ARG A 802 -17.92 4.55 -31.06
C ARG A 802 -19.37 4.89 -30.76
N LEU A 803 -20.05 4.03 -30.03
CA LEU A 803 -21.39 4.28 -29.53
C LEU A 803 -21.51 4.03 -28.04
N ASP A 804 -20.83 3.00 -27.54
CA ASP A 804 -20.67 2.80 -26.10
C ASP A 804 -19.43 3.49 -25.57
N ALA A 805 -18.37 3.61 -26.38
CA ALA A 805 -17.25 4.47 -26.01
C ALA A 805 -17.71 5.91 -25.86
N GLU A 806 -18.57 6.36 -26.77
CA GLU A 806 -19.22 7.66 -26.59
C GLU A 806 -20.09 7.66 -25.35
N SER A 807 -20.71 6.53 -25.02
CA SER A 807 -21.42 6.40 -23.75
C SER A 807 -20.47 6.27 -22.57
N LEU A 808 -19.19 6.02 -22.82
CA LEU A 808 -18.20 5.90 -21.76
C LEU A 808 -17.48 7.19 -21.46
N VAL A 809 -17.39 8.11 -22.44
CA VAL A 809 -16.75 9.39 -22.17
C VAL A 809 -17.62 10.28 -21.30
N LYS A 810 -18.91 9.97 -21.18
CA LYS A 810 -19.80 10.77 -20.35
C LYS A 810 -19.78 10.34 -18.89
N LEU A 811 -19.77 9.04 -18.64
CA LEU A 811 -19.79 8.52 -17.28
C LEU A 811 -18.56 8.95 -16.49
N SER A 812 -17.45 9.23 -17.18
CA SER A 812 -16.20 9.51 -16.49
C SER A 812 -16.20 10.82 -15.73
N VAL A 813 -17.02 11.78 -16.14
CA VAL A 813 -16.91 13.11 -15.55
C VAL A 813 -17.81 13.27 -14.33
N ASP A 814 -18.89 12.48 -14.23
CA ASP A 814 -19.79 12.59 -13.10
C ASP A 814 -19.21 12.02 -11.81
N ARG A 815 -18.08 11.32 -11.89
CA ARG A 815 -17.49 10.68 -10.73
C ARG A 815 -16.27 11.41 -10.18
N VAL A 816 -15.83 12.49 -10.83
CA VAL A 816 -14.67 13.23 -10.34
C VAL A 816 -15.03 14.13 -9.17
N ASN A 817 -16.28 14.58 -9.09
CA ASN A 817 -16.73 15.43 -7.98
C ASN A 817 -17.35 14.55 -6.88
N VAL A 818 -16.48 13.77 -6.25
CA VAL A 818 -16.88 12.89 -5.16
C VAL A 818 -16.04 13.22 -3.93
N HIS A 819 -16.54 12.81 -2.77
CA HIS A 819 -15.89 13.17 -1.52
C HIS A 819 -14.67 12.29 -1.25
N SER A 820 -14.78 10.99 -1.46
CA SER A 820 -13.68 10.09 -1.18
C SER A 820 -12.50 10.46 -2.07
N PRO A 821 -11.33 10.74 -1.51
CA PRO A 821 -10.21 11.17 -2.35
C PRO A 821 -9.73 10.11 -3.32
N HIS A 822 -9.71 8.83 -2.91
CA HIS A 822 -9.22 7.80 -3.82
C HIS A 822 -10.23 7.51 -4.93
N ARG A 823 -11.54 7.64 -4.63
CA ARG A 823 -12.53 7.53 -5.69
C ARG A 823 -12.39 8.67 -6.68
N ALA A 824 -12.11 9.88 -6.18
CA ALA A 824 -11.87 10.99 -7.09
C ALA A 824 -10.65 10.75 -7.94
N MET A 825 -9.60 10.17 -7.36
CA MET A 825 -8.38 9.88 -8.13
C MET A 825 -8.63 8.81 -9.18
N ALA A 826 -9.41 7.79 -8.86
CA ALA A 826 -9.74 6.77 -9.85
C ALA A 826 -10.56 7.37 -10.99
N ALA A 827 -11.59 8.15 -10.66
CA ALA A 827 -12.37 8.81 -11.69
C ALA A 827 -11.50 9.73 -12.53
N LEU A 828 -10.51 10.35 -11.91
CA LEU A 828 -9.59 11.22 -12.64
C LEU A 828 -8.75 10.44 -13.62
N GLY A 829 -8.28 9.26 -13.22
CA GLY A 829 -7.54 8.42 -14.16
C GLY A 829 -8.40 7.99 -15.33
N LEU A 830 -9.64 7.60 -15.05
CA LEU A 830 -10.55 7.22 -16.13
C LEU A 830 -10.80 8.39 -17.05
N MET A 831 -10.91 9.60 -16.51
CA MET A 831 -11.10 10.78 -17.34
C MET A 831 -9.86 11.08 -18.17
N LEU A 832 -8.68 10.86 -17.61
CA LEU A 832 -7.45 11.07 -18.37
C LEU A 832 -7.37 10.12 -19.55
N THR A 833 -7.80 8.87 -19.37
CA THR A 833 -7.82 7.97 -20.51
C THR A 833 -8.93 8.33 -21.50
N CYS A 834 -10.10 8.73 -20.99
CA CYS A 834 -11.18 9.18 -21.88
C CYS A 834 -10.75 10.35 -22.74
N MET A 835 -9.84 11.18 -22.24
CA MET A 835 -9.36 12.34 -22.98
C MET A 835 -8.19 12.00 -23.91
N TYR A 836 -7.24 11.19 -23.44
CA TYR A 836 -6.07 10.89 -24.25
C TYR A 836 -6.35 9.83 -25.31
N THR A 837 -7.40 9.04 -25.15
CA THR A 837 -7.69 7.97 -26.09
C THR A 837 -8.59 8.44 -27.22
N GLY A 838 -9.71 9.08 -26.90
CA GLY A 838 -10.60 9.58 -27.92
C GLY A 838 -10.11 10.88 -28.54
N LYS A 839 -8.82 10.98 -28.81
CA LYS A 839 -8.24 12.15 -29.43
C LYS A 839 -6.83 11.86 -29.91
N VAL A 860 -14.33 21.77 -28.91
CA VAL A 860 -13.15 22.42 -28.34
C VAL A 860 -13.43 22.89 -26.92
N ILE A 861 -14.69 23.24 -26.66
CA ILE A 861 -15.07 23.71 -25.33
C ILE A 861 -15.16 22.56 -24.34
N VAL A 862 -15.25 21.32 -24.83
CA VAL A 862 -15.23 20.16 -23.94
C VAL A 862 -13.91 20.11 -23.17
N ALA A 863 -12.80 20.37 -23.85
CA ALA A 863 -11.51 20.42 -23.18
C ALA A 863 -11.48 21.51 -22.12
N MET A 864 -12.19 22.61 -22.34
CA MET A 864 -12.25 23.65 -21.32
C MET A 864 -13.08 23.22 -20.13
N GLU A 865 -14.18 22.50 -20.37
CA GLU A 865 -14.94 21.96 -19.24
C GLU A 865 -14.09 20.99 -18.42
N ARG A 866 -13.28 20.19 -19.10
CA ARG A 866 -12.46 19.22 -18.39
C ARG A 866 -11.34 19.89 -17.59
N VAL A 867 -10.70 20.90 -18.17
CA VAL A 867 -9.68 21.61 -17.39
C VAL A 867 -10.34 22.37 -16.24
N SER A 868 -11.58 22.82 -16.40
CA SER A 868 -12.27 23.47 -15.30
C SER A 868 -12.55 22.50 -14.17
N VAL A 869 -12.94 21.27 -14.49
CA VAL A 869 -13.16 20.29 -13.42
C VAL A 869 -11.83 19.93 -12.76
N LEU A 870 -10.73 19.95 -13.50
CA LEU A 870 -9.43 19.70 -12.87
C LEU A 870 -9.07 20.83 -11.91
N PHE A 871 -9.26 22.07 -12.32
CA PHE A 871 -8.98 23.20 -11.42
C PHE A 871 -9.89 23.17 -10.21
N ASP A 872 -11.13 22.73 -10.38
CA ASP A 872 -12.01 22.62 -9.22
C ASP A 872 -11.56 21.52 -8.27
N ARG A 873 -11.03 20.42 -8.80
CA ARG A 873 -10.48 19.40 -7.92
C ARG A 873 -9.20 19.85 -7.24
N ILE A 874 -8.49 20.82 -7.82
CA ILE A 874 -7.40 21.44 -7.07
C ILE A 874 -7.94 22.33 -5.96
N ARG A 875 -8.98 23.11 -6.27
CA ARG A 875 -9.43 24.15 -5.37
C ARG A 875 -10.30 23.65 -4.23
N LYS A 876 -10.95 22.50 -4.36
CA LYS A 876 -11.78 22.00 -3.27
C LYS A 876 -11.51 20.53 -3.00
N GLY A 877 -10.24 20.15 -3.00
CA GLY A 877 -9.83 18.80 -2.65
C GLY A 877 -8.88 18.81 -1.46
N PHE A 878 -8.55 17.60 -1.03
CA PHE A 878 -7.60 17.44 0.06
C PHE A 878 -6.18 17.66 -0.44
N PRO A 879 -5.25 17.96 0.46
CA PRO A 879 -3.87 18.23 0.01
C PRO A 879 -3.25 17.14 -0.82
N CYS A 880 -3.56 15.87 -0.54
CA CYS A 880 -3.02 14.79 -1.35
C CYS A 880 -3.58 14.85 -2.77
N GLU A 881 -4.92 14.86 -2.89
CA GLU A 881 -5.54 14.91 -4.20
C GLU A 881 -5.17 16.18 -4.94
N ALA A 882 -5.12 17.31 -4.24
CA ALA A 882 -4.78 18.57 -4.88
C ALA A 882 -3.34 18.57 -5.36
N ARG A 883 -2.42 18.05 -4.57
CA ARG A 883 -1.04 17.97 -5.01
C ARG A 883 -0.89 17.08 -6.23
N VAL A 884 -1.62 15.97 -6.26
CA VAL A 884 -1.52 15.07 -7.40
C VAL A 884 -2.08 15.74 -8.66
N VAL A 885 -3.25 16.36 -8.55
CA VAL A 885 -3.85 17.01 -9.71
C VAL A 885 -2.97 18.15 -10.21
N ALA A 886 -2.42 18.94 -9.29
CA ALA A 886 -1.50 19.98 -9.71
C ALA A 886 -0.21 19.41 -10.25
N ARG A 887 0.10 18.15 -9.97
CA ARG A 887 1.29 17.56 -10.56
C ARG A 887 1.03 17.02 -11.96
N ILE A 888 -0.20 16.63 -12.25
CA ILE A 888 -0.52 16.20 -13.62
C ILE A 888 -0.94 17.35 -14.52
N LEU A 889 -1.30 18.51 -13.96
CA LEU A 889 -1.89 19.55 -14.78
C LEU A 889 -0.99 20.15 -15.85
N PRO A 890 0.31 20.41 -15.61
CA PRO A 890 1.11 21.01 -16.69
C PRO A 890 1.12 20.21 -17.98
N GLN A 891 1.21 18.88 -17.91
CA GLN A 891 1.22 18.08 -19.12
C GLN A 891 -0.14 18.09 -19.81
N PHE A 892 -1.21 17.91 -19.03
CA PHE A 892 -2.55 18.01 -19.59
C PHE A 892 -2.73 19.32 -20.36
N LEU A 893 -2.31 20.42 -19.74
CA LEU A 893 -2.45 21.73 -20.37
C LEU A 893 -1.62 21.84 -21.63
N ASP A 894 -0.33 21.50 -21.56
CA ASP A 894 0.51 21.70 -22.72
C ASP A 894 0.26 20.66 -23.81
N ASP A 895 -0.55 19.64 -23.54
CA ASP A 895 -0.83 18.62 -24.54
C ASP A 895 -2.23 18.70 -25.11
N PHE A 896 -3.15 19.43 -24.49
CA PHE A 896 -4.48 19.48 -25.08
C PHE A 896 -4.79 20.74 -25.86
N PHE A 897 -4.62 21.91 -25.23
CA PHE A 897 -5.02 23.18 -25.88
C PHE A 897 -3.82 24.14 -25.90
N PRO A 898 -3.70 25.03 -26.90
CA PRO A 898 -2.56 25.96 -26.99
C PRO A 898 -2.51 26.88 -25.79
N PRO A 899 -1.33 27.42 -25.46
CA PRO A 899 -1.19 28.20 -24.22
C PRO A 899 -2.01 29.47 -24.19
N GLN A 900 -2.45 29.99 -25.33
CA GLN A 900 -3.26 31.21 -25.29
C GLN A 900 -4.62 30.98 -24.67
N ASP A 901 -5.15 29.76 -24.78
CA ASP A 901 -6.48 29.48 -24.27
C ASP A 901 -6.52 29.56 -22.75
N ILE A 902 -5.58 28.92 -22.07
CA ILE A 902 -5.68 28.71 -20.63
C ILE A 902 -4.77 29.62 -19.81
N MET A 903 -3.81 30.33 -20.44
CA MET A 903 -2.87 31.14 -19.68
C MET A 903 -3.57 32.13 -18.76
N ASN A 904 -4.76 32.59 -19.14
CA ASN A 904 -5.55 33.42 -18.25
C ASN A 904 -6.08 32.61 -17.08
N LYS A 905 -6.50 31.37 -17.34
CA LYS A 905 -7.13 30.57 -16.31
C LYS A 905 -6.12 30.10 -15.27
N VAL A 906 -4.92 29.72 -15.70
CA VAL A 906 -3.93 29.25 -14.73
C VAL A 906 -3.52 30.38 -13.79
N ILE A 907 -3.33 31.58 -14.31
CA ILE A 907 -2.97 32.70 -13.45
C ILE A 907 -4.16 33.13 -12.60
N GLY A 908 -5.38 33.05 -13.14
CA GLY A 908 -6.54 33.39 -12.36
C GLY A 908 -6.78 32.43 -11.21
N GLU A 909 -6.41 31.17 -11.38
CA GLU A 909 -6.52 30.21 -10.28
C GLU A 909 -5.36 30.33 -9.33
N PHE A 910 -4.20 30.76 -9.80
CA PHE A 910 -3.10 31.04 -8.89
C PHE A 910 -3.42 32.24 -8.00
N LEU A 911 -3.88 33.33 -8.61
CA LEU A 911 -4.21 34.56 -7.87
C LEU A 911 -5.68 34.53 -7.54
N SER A 912 -6.00 34.11 -6.33
CA SER A 912 -7.40 34.05 -5.91
C SER A 912 -7.46 34.02 -4.39
N ASN A 913 -8.61 34.42 -3.87
CA ASN A 913 -8.89 34.30 -2.45
C ASN A 913 -9.54 32.97 -2.09
N GLN A 914 -10.19 32.31 -3.04
CA GLN A 914 -10.75 30.99 -2.83
C GLN A 914 -9.72 29.89 -3.09
N GLN A 915 -8.44 30.23 -3.21
CA GLN A 915 -7.42 29.25 -3.51
C GLN A 915 -6.84 28.70 -2.22
N PRO A 916 -7.16 27.47 -1.83
CA PRO A 916 -6.65 26.94 -0.56
C PRO A 916 -5.20 26.51 -0.63
N TYR A 917 -4.73 26.10 -1.80
CA TYR A 917 -3.36 25.64 -2.00
C TYR A 917 -2.71 26.42 -3.13
N PRO A 918 -2.34 27.68 -2.90
CA PRO A 918 -1.55 28.39 -3.92
C PRO A 918 -0.13 27.89 -4.03
N GLN A 919 0.35 27.15 -3.03
CA GLN A 919 1.71 26.64 -3.05
C GLN A 919 1.91 25.57 -4.11
N PHE A 920 0.82 24.98 -4.62
CA PHE A 920 0.89 24.05 -5.75
C PHE A 920 0.73 24.76 -7.08
N MET A 921 -0.21 25.70 -7.15
CA MET A 921 -0.41 26.47 -8.36
C MET A 921 0.84 27.26 -8.73
N ALA A 922 1.66 27.60 -7.74
CA ALA A 922 2.96 28.19 -8.06
C ALA A 922 3.76 27.26 -8.97
N THR A 923 3.82 25.98 -8.62
CA THR A 923 4.57 25.03 -9.44
C THR A 923 3.88 24.80 -10.78
N VAL A 924 2.54 24.82 -10.81
CA VAL A 924 1.85 24.67 -12.08
C VAL A 924 2.23 25.80 -13.04
N VAL A 925 2.14 27.04 -12.56
CA VAL A 925 2.53 28.18 -13.37
C VAL A 925 3.99 28.07 -13.78
N TYR A 926 4.84 27.58 -12.87
CA TYR A 926 6.25 27.41 -13.21
C TYR A 926 6.43 26.45 -14.36
N LYS A 927 5.78 25.30 -14.28
CA LYS A 927 5.92 24.30 -15.35
C LYS A 927 5.42 24.85 -16.67
N VAL A 928 4.29 25.56 -16.64
CA VAL A 928 3.73 26.10 -17.87
C VAL A 928 4.67 27.13 -18.50
N PHE A 929 5.13 28.09 -17.70
CA PHE A 929 6.00 29.13 -18.24
C PHE A 929 7.33 28.55 -18.71
N GLN A 930 7.91 27.63 -17.95
CA GLN A 930 9.17 27.03 -18.38
C GLN A 930 8.99 26.12 -19.59
N THR A 931 7.78 25.61 -19.82
CA THR A 931 7.50 24.97 -21.10
C THR A 931 7.47 25.99 -22.23
N LEU A 932 6.93 27.18 -21.96
CA LEU A 932 6.94 28.22 -22.98
C LEU A 932 8.34 28.75 -23.27
N HIS A 933 9.32 28.47 -22.42
CA HIS A 933 10.67 29.00 -22.63
C HIS A 933 11.54 28.02 -23.40
N SER A 934 10.94 26.95 -23.89
CA SER A 934 11.65 25.96 -24.69
C SER A 934 11.15 25.94 -26.12
N THR A 935 9.84 26.11 -26.32
CA THR A 935 9.23 26.13 -27.64
C THR A 935 9.35 27.48 -28.32
N GLY A 936 10.29 28.32 -27.89
CA GLY A 936 10.49 29.62 -28.49
C GLY A 936 9.36 30.60 -28.28
N GLN A 937 8.40 30.28 -27.40
CA GLN A 937 7.28 31.17 -27.11
C GLN A 937 7.55 32.08 -25.94
N SER A 938 8.80 32.46 -25.72
CA SER A 938 9.18 33.33 -24.61
C SER A 938 8.71 34.76 -24.80
N SER A 939 7.90 35.06 -25.81
CA SER A 939 7.27 36.36 -25.94
C SER A 939 5.85 36.39 -25.43
N MET A 940 5.13 35.27 -25.49
CA MET A 940 3.80 35.21 -24.90
C MET A 940 3.89 35.33 -23.38
N VAL A 941 4.92 34.74 -22.77
CA VAL A 941 5.04 34.78 -21.33
C VAL A 941 5.27 36.20 -20.85
N ARG A 942 6.07 36.98 -21.58
CA ARG A 942 6.25 38.38 -21.18
C ARG A 942 5.00 39.19 -21.45
N ASP A 943 4.24 38.80 -22.47
CA ASP A 943 2.97 39.46 -22.74
C ASP A 943 1.98 39.23 -21.62
N TRP A 944 2.07 38.08 -20.95
CA TRP A 944 1.17 37.81 -19.82
C TRP A 944 1.71 38.33 -18.50
N VAL A 945 3.03 38.42 -18.34
CA VAL A 945 3.57 38.99 -17.12
C VAL A 945 3.37 40.50 -17.12
N MET A 946 3.45 41.14 -18.28
CA MET A 946 3.05 42.53 -18.35
C MET A 946 1.58 42.72 -18.03
N LEU A 947 0.81 41.64 -17.99
CA LEU A 947 -0.54 41.66 -17.42
C LEU A 947 -0.51 41.29 -15.94
N SER A 948 0.38 41.95 -15.20
CA SER A 948 0.44 41.88 -13.75
C SER A 948 -0.01 43.18 -13.10
N LEU A 949 -0.68 44.04 -13.88
CA LEU A 949 -1.14 45.33 -13.39
C LEU A 949 -2.11 45.15 -12.24
N SER A 950 -3.27 44.57 -12.52
CA SER A 950 -4.35 44.50 -11.55
C SER A 950 -4.43 43.17 -10.83
N ASN A 951 -4.20 42.06 -11.53
CA ASN A 951 -4.31 40.75 -10.89
C ASN A 951 -3.34 40.64 -9.72
N PHE A 952 -2.05 40.89 -9.97
CA PHE A 952 -1.10 41.00 -8.89
C PHE A 952 -1.20 42.37 -8.24
N THR A 953 -0.42 42.58 -7.19
CA THR A 953 -0.33 43.87 -6.50
C THR A 953 -1.69 44.27 -5.92
N GLN A 954 -2.68 43.39 -6.06
CA GLN A 954 -4.00 43.59 -5.47
C GLN A 954 -4.36 42.28 -4.78
N ARG A 955 -3.88 42.13 -3.55
CA ARG A 955 -4.17 40.94 -2.75
C ARG A 955 -4.02 41.36 -1.29
N ALA A 956 -5.14 41.38 -0.56
CA ALA A 956 -5.19 41.95 0.79
C ALA A 956 -4.01 41.60 1.68
N PRO A 957 -3.56 40.34 1.77
CA PRO A 957 -2.37 40.06 2.59
C PRO A 957 -1.11 40.44 1.83
N VAL A 958 -0.69 41.71 1.94
CA VAL A 958 0.44 42.26 1.19
C VAL A 958 1.62 41.31 1.18
N ALA A 959 1.81 40.57 2.29
CA ALA A 959 2.82 39.52 2.30
C ALA A 959 2.56 38.49 1.22
N MET A 960 1.32 38.02 1.11
CA MET A 960 0.99 37.07 0.04
C MET A 960 1.06 37.72 -1.32
N ALA A 961 0.81 39.03 -1.41
CA ALA A 961 0.92 39.71 -2.69
C ALA A 961 2.36 39.70 -3.20
N THR A 962 3.31 40.09 -2.34
CA THR A 962 4.70 40.05 -2.76
C THR A 962 5.20 38.62 -2.93
N TRP A 963 4.65 37.66 -2.18
CA TRP A 963 5.04 36.28 -2.38
C TRP A 963 4.57 35.77 -3.74
N SER A 964 3.33 36.07 -4.11
CA SER A 964 2.84 35.65 -5.41
C SER A 964 3.58 36.36 -6.53
N LEU A 965 3.94 37.63 -6.34
CA LEU A 965 4.76 38.32 -7.32
C LEU A 965 6.11 37.63 -7.48
N SER A 966 6.72 37.21 -6.37
CA SER A 966 8.02 36.54 -6.45
C SER A 966 7.91 35.18 -7.14
N CYS A 967 6.88 34.41 -6.80
CA CYS A 967 6.66 33.13 -7.47
C CYS A 967 6.47 33.35 -8.98
N PHE A 968 5.66 34.33 -9.34
CA PHE A 968 5.35 34.58 -10.75
C PHE A 968 6.58 35.05 -11.51
N PHE A 969 7.38 35.93 -10.92
CA PHE A 969 8.56 36.42 -11.60
C PHE A 969 9.71 35.42 -11.57
N VAL A 970 9.66 34.41 -10.71
CA VAL A 970 10.60 33.31 -10.80
C VAL A 970 10.19 32.36 -11.91
N SER A 971 8.89 32.09 -12.02
CA SER A 971 8.39 31.21 -13.07
C SER A 971 8.71 31.76 -14.45
N ALA A 972 8.39 33.03 -14.70
CA ALA A 972 8.65 33.65 -15.99
C ALA A 972 10.06 34.24 -16.03
N SER A 973 11.05 33.36 -15.95
CA SER A 973 12.44 33.78 -15.97
C SER A 973 13.25 32.84 -16.84
N THR A 974 13.82 33.36 -17.92
CA THR A 974 14.75 32.59 -18.73
C THR A 974 16.11 32.44 -18.09
N SER A 975 16.27 32.87 -16.84
CA SER A 975 17.62 32.61 -16.37
C SER A 975 17.64 31.40 -15.46
N PRO A 976 18.61 30.52 -15.62
CA PRO A 976 18.84 29.47 -14.62
C PRO A 976 19.39 30.09 -13.36
N TRP A 977 19.28 29.33 -12.27
CA TRP A 977 19.63 29.77 -10.91
C TRP A 977 18.62 30.77 -10.37
N VAL A 978 17.67 31.21 -11.20
CA VAL A 978 16.58 32.06 -10.76
C VAL A 978 15.31 31.26 -10.88
N ALA A 979 15.17 30.55 -11.98
CA ALA A 979 14.09 29.57 -12.11
C ALA A 979 14.34 28.34 -11.27
N ALA A 980 15.54 28.19 -10.72
CA ALA A 980 15.91 27.03 -9.94
C ALA A 980 15.80 27.27 -8.44
N ILE A 981 15.03 28.28 -8.03
CA ILE A 981 14.83 28.56 -6.61
C ILE A 981 13.35 28.56 -6.24
N LEU A 982 12.47 28.14 -7.15
CA LEU A 982 11.07 28.07 -6.81
C LEU A 982 10.78 27.22 -5.58
N PRO A 983 11.48 26.12 -5.31
CA PRO A 983 11.25 25.43 -4.04
C PRO A 983 11.57 26.28 -2.83
N HIS A 984 12.50 27.24 -2.98
CA HIS A 984 12.82 28.12 -1.86
C HIS A 984 11.71 29.12 -1.61
N VAL A 985 11.08 29.62 -2.67
CA VAL A 985 10.04 30.64 -2.50
C VAL A 985 8.70 30.00 -2.17
N ILE A 986 8.52 28.71 -2.46
CA ILE A 986 7.27 28.06 -2.07
C ILE A 986 7.30 27.69 -0.60
N SER A 987 8.47 27.46 -0.03
CA SER A 987 8.57 27.08 1.38
C SER A 987 8.11 28.18 2.33
N ARG A 988 7.89 29.40 1.83
CA ARG A 988 7.52 30.54 2.68
C ARG A 988 6.29 31.21 2.08
N MET A 989 5.12 30.70 2.43
CA MET A 989 3.88 31.23 1.85
C MET A 989 3.42 32.52 2.50
N GLY A 990 3.87 32.81 3.71
CA GLY A 990 3.67 34.11 4.31
C GLY A 990 5.03 34.73 4.60
N LYS A 991 5.37 34.81 5.88
CA LYS A 991 6.73 35.03 6.34
C LYS A 991 7.41 36.20 5.61
N LEU A 992 6.84 37.38 5.84
CA LEU A 992 7.34 38.62 5.25
C LEU A 992 8.55 39.15 6.02
N GLU A 993 9.63 38.39 5.94
CA GLU A 993 10.88 38.82 6.55
C GLU A 993 11.60 39.80 5.63
N GLN A 994 12.84 40.13 5.97
CA GLN A 994 13.59 41.08 5.15
C GLN A 994 14.38 40.38 4.05
N VAL A 995 14.91 39.19 4.31
CA VAL A 995 15.59 38.44 3.26
C VAL A 995 14.59 38.05 2.17
N ASP A 996 13.33 37.81 2.56
CA ASP A 996 12.29 37.57 1.56
C ASP A 996 12.16 38.76 0.62
N VAL A 997 12.17 39.98 1.18
CA VAL A 997 12.04 41.18 0.35
C VAL A 997 13.27 41.36 -0.51
N ASN A 998 14.46 41.08 0.02
CA ASN A 998 15.66 41.12 -0.81
C ASN A 998 15.55 40.16 -1.98
N LEU A 999 15.06 38.95 -1.72
CA LEU A 999 14.85 37.98 -2.79
C LEU A 999 13.90 38.52 -3.84
N PHE A 1000 12.77 39.07 -3.40
CA PHE A 1000 11.75 39.55 -4.34
C PHE A 1000 12.28 40.69 -5.20
N CYS A 1001 12.99 41.63 -4.58
CA CYS A 1001 13.59 42.71 -5.35
C CYS A 1001 14.59 42.17 -6.37
N LEU A 1002 15.44 41.23 -5.96
CA LEU A 1002 16.42 40.69 -6.90
C LEU A 1002 15.74 39.99 -8.07
N VAL A 1003 14.68 39.23 -7.79
CA VAL A 1003 14.01 38.47 -8.83
C VAL A 1003 13.30 39.40 -9.81
N ALA A 1004 12.56 40.39 -9.29
CA ALA A 1004 11.90 41.33 -10.17
C ALA A 1004 12.90 42.17 -10.94
N THR A 1005 14.05 42.48 -10.35
CA THR A 1005 15.07 43.23 -11.08
C THR A 1005 15.64 42.41 -12.22
N ASP A 1006 15.92 41.13 -11.96
CA ASP A 1006 16.37 40.25 -13.03
C ASP A 1006 15.35 40.19 -14.16
N PHE A 1007 14.06 40.08 -13.83
CA PHE A 1007 13.05 40.08 -14.87
C PHE A 1007 13.06 41.39 -15.65
N TYR A 1008 12.98 42.51 -14.94
CA TYR A 1008 12.96 43.82 -15.60
C TYR A 1008 14.16 44.00 -16.52
N ARG A 1009 15.30 43.42 -16.15
CA ARG A 1009 16.49 43.59 -16.97
C ARG A 1009 16.52 42.66 -18.16
N HIS A 1010 15.93 41.47 -18.04
CA HIS A 1010 16.17 40.44 -19.06
C HIS A 1010 14.97 40.11 -19.93
N GLN A 1011 13.75 40.44 -19.52
CA GLN A 1011 12.57 39.97 -20.26
C GLN A 1011 11.80 41.08 -20.96
N ILE A 1012 11.74 42.29 -20.38
CA ILE A 1012 10.92 43.33 -20.97
C ILE A 1012 11.55 43.87 -22.25
N GLU A 1013 12.74 44.46 -22.13
CA GLU A 1013 13.56 44.93 -23.24
C GLU A 1013 12.87 46.02 -24.07
N GLU A 1014 11.70 46.50 -23.67
CA GLU A 1014 11.01 47.57 -24.37
C GLU A 1014 10.75 48.73 -23.41
N GLU A 1015 11.27 49.90 -23.77
CA GLU A 1015 11.30 51.01 -22.82
C GLU A 1015 9.90 51.52 -22.49
N LEU A 1016 9.02 51.60 -23.49
CA LEU A 1016 7.65 51.97 -23.19
C LEU A 1016 6.98 50.92 -22.30
N ASP A 1017 7.25 49.64 -22.56
CA ASP A 1017 6.75 48.61 -21.67
C ASP A 1017 7.48 48.63 -20.33
N ARG A 1018 8.73 49.08 -20.31
CA ARG A 1018 9.43 49.25 -19.04
C ARG A 1018 8.74 50.30 -18.17
N ARG A 1019 8.33 51.42 -18.78
CA ARG A 1019 7.61 52.42 -18.01
C ARG A 1019 6.21 51.96 -17.65
N ALA A 1020 5.58 51.16 -18.51
CA ALA A 1020 4.30 50.57 -18.15
C ALA A 1020 4.43 49.65 -16.95
N PHE A 1021 5.52 48.90 -16.86
CA PHE A 1021 5.78 48.06 -15.70
C PHE A 1021 6.06 48.91 -14.47
N GLN A 1022 6.89 49.95 -14.64
CA GLN A 1022 7.27 50.79 -13.51
C GLN A 1022 6.06 51.51 -12.92
N SER A 1023 5.11 51.91 -13.77
CA SER A 1023 3.92 52.59 -13.27
C SER A 1023 2.80 51.61 -12.95
N VAL A 1024 3.14 50.53 -12.25
CA VAL A 1024 2.18 49.75 -11.50
C VAL A 1024 2.59 49.57 -10.05
N LEU A 1025 3.89 49.61 -9.75
CA LEU A 1025 4.33 49.66 -8.36
C LEU A 1025 4.05 51.02 -7.75
N GLU A 1026 3.91 52.06 -8.57
CA GLU A 1026 3.63 53.39 -8.07
C GLU A 1026 2.17 53.58 -7.69
N VAL A 1027 1.29 52.83 -8.35
CA VAL A 1027 -0.16 52.87 -8.00
C VAL A 1027 -0.32 52.06 -6.71
N VAL A 1028 0.20 50.82 -6.70
CA VAL A 1028 0.20 50.04 -5.44
C VAL A 1028 1.02 50.84 -4.43
N ALA A 1029 2.06 51.49 -4.96
CA ALA A 1029 2.98 52.31 -4.16
C ALA A 1029 3.47 51.55 -2.95
N ALA A 1030 2.72 51.56 -1.84
CA ALA A 1030 3.33 50.79 -0.72
C ALA A 1030 4.69 51.40 -0.40
N PRO A 1031 4.76 52.65 0.12
CA PRO A 1031 6.03 53.22 0.55
C PRO A 1031 6.70 52.19 1.47
N GLY A 1032 5.92 51.21 1.94
CA GLY A 1032 6.50 50.13 2.78
C GLY A 1032 7.62 49.42 2.06
N SER A 1033 8.36 48.58 2.77
CA SER A 1033 9.53 47.94 2.16
C SER A 1033 9.39 47.42 0.73
N PRO A 1034 8.47 46.48 0.45
CA PRO A 1034 8.66 45.65 -0.75
C PRO A 1034 8.66 46.42 -2.06
N TYR A 1035 7.57 47.12 -2.37
CA TYR A 1035 7.47 47.80 -3.64
C TYR A 1035 8.37 49.03 -3.71
N HIS A 1036 8.44 49.80 -2.63
CA HIS A 1036 9.26 51.01 -2.64
C HIS A 1036 10.73 50.67 -2.85
N ARG A 1037 11.20 49.59 -2.23
CA ARG A 1037 12.56 49.12 -2.49
C ARG A 1037 12.70 48.67 -3.93
N LEU A 1038 11.68 47.99 -4.46
CA LEU A 1038 11.71 47.58 -5.86
C LEU A 1038 11.71 48.79 -6.78
N LEU A 1039 10.89 49.79 -6.46
CA LEU A 1039 10.88 51.00 -7.28
C LEU A 1039 12.23 51.71 -7.25
N THR A 1040 12.85 51.78 -6.07
CA THR A 1040 14.18 52.37 -5.97
C THR A 1040 15.19 51.62 -6.81
N CYS A 1041 15.19 50.29 -6.70
CA CYS A 1041 16.15 49.48 -7.45
C CYS A 1041 15.89 49.55 -8.95
N LEU A 1042 14.64 49.75 -9.35
CA LEU A 1042 14.34 49.89 -10.77
C LEU A 1042 14.78 51.24 -11.30
N ARG A 1043 14.58 52.30 -10.50
CA ARG A 1043 15.14 53.60 -10.84
C ARG A 1043 16.66 53.53 -10.93
N ASN A 1044 17.28 52.68 -10.13
CA ASN A 1044 18.73 52.53 -10.18
C ASN A 1044 19.19 51.77 -11.41
N VAL A 1045 18.30 51.06 -12.09
CA VAL A 1045 18.67 50.31 -13.28
C VAL A 1045 18.57 51.20 -14.52
N LEU B 108 -27.96 -22.45 12.28
CA LEU B 108 -27.21 -21.59 11.37
C LEU B 108 -26.32 -20.62 12.15
N THR B 109 -26.39 -20.71 13.48
CA THR B 109 -25.50 -19.98 14.37
C THR B 109 -24.34 -20.84 14.83
N GLU B 110 -24.56 -22.13 15.05
CA GLU B 110 -23.44 -23.06 15.25
C GLU B 110 -22.85 -23.52 13.93
N ALA B 111 -23.66 -23.63 12.87
CA ALA B 111 -23.11 -23.76 11.54
C ALA B 111 -22.21 -22.60 11.17
N ALA B 112 -22.49 -21.40 11.71
CA ALA B 112 -21.59 -20.27 11.58
C ALA B 112 -20.25 -20.60 12.21
N ARG B 113 -20.27 -21.15 13.43
CA ARG B 113 -19.04 -21.53 14.11
C ARG B 113 -18.26 -22.54 13.27
N LEU B 114 -18.96 -23.55 12.75
CA LEU B 114 -18.33 -24.56 11.91
C LEU B 114 -17.66 -23.93 10.70
N PHE B 115 -18.43 -23.20 9.90
CA PHE B 115 -17.93 -22.66 8.63
C PHE B 115 -17.02 -21.46 8.82
N LEU B 116 -16.88 -20.94 10.05
CA LEU B 116 -15.89 -19.90 10.29
C LEU B 116 -14.59 -20.51 10.79
N ARG B 117 -14.69 -21.51 11.67
CA ARG B 117 -13.51 -22.21 12.13
C ARG B 117 -12.88 -22.98 10.97
N GLN B 118 -13.69 -23.46 10.02
CA GLN B 118 -13.15 -24.15 8.86
C GLN B 118 -12.41 -23.16 7.96
N GLU B 119 -12.58 -21.86 8.23
CA GLU B 119 -11.81 -20.82 7.60
C GLU B 119 -10.74 -20.24 8.50
N ARG B 120 -11.02 -20.06 9.79
CA ARG B 120 -10.00 -19.63 10.73
C ARG B 120 -8.84 -20.61 10.83
N ASP B 121 -9.10 -21.91 10.66
CA ASP B 121 -8.02 -22.89 10.61
C ASP B 121 -7.04 -22.51 9.53
N ALA B 122 -7.50 -22.57 8.27
CA ALA B 122 -6.67 -22.34 7.10
C ALA B 122 -6.10 -20.92 7.05
N ARG B 123 -6.67 -20.00 7.83
CA ARG B 123 -6.13 -18.64 7.79
C ARG B 123 -5.13 -18.39 8.91
N GLN B 124 -5.55 -18.56 10.16
CA GLN B 124 -4.70 -18.20 11.30
C GLN B 124 -4.06 -19.41 11.95
N ARG B 125 -4.77 -20.55 12.03
CA ARG B 125 -4.24 -21.68 12.77
C ARG B 125 -3.16 -22.39 11.98
N LEU B 126 -3.49 -22.85 10.77
CA LEU B 126 -2.51 -23.42 9.87
C LEU B 126 -2.47 -22.60 8.59
N VAL B 127 -1.68 -21.52 8.59
CA VAL B 127 -1.65 -20.57 7.48
C VAL B 127 -1.51 -21.34 6.17
N CYS B 128 -2.48 -21.15 5.28
CA CYS B 128 -2.56 -21.89 4.02
C CYS B 128 -2.40 -20.91 2.87
N PRO B 129 -1.20 -20.73 2.34
CA PRO B 129 -1.05 -19.91 1.13
C PRO B 129 -1.47 -20.69 -0.11
N ALA B 130 -2.61 -21.35 0.00
CA ALA B 130 -3.20 -22.05 -1.13
C ALA B 130 -4.72 -21.87 -1.14
N ALA B 131 -5.23 -20.81 -0.53
CA ALA B 131 -6.67 -20.64 -0.33
C ALA B 131 -7.32 -20.14 -1.61
N TYR B 132 -8.15 -20.98 -2.19
CA TYR B 132 -9.15 -20.55 -3.16
C TYR B 132 -9.87 -19.28 -2.70
N GLY B 133 -10.03 -19.10 -1.40
CA GLY B 133 -10.91 -18.07 -0.86
C GLY B 133 -12.30 -18.64 -0.78
N GLU B 134 -12.36 -19.96 -0.68
CA GLU B 134 -13.61 -20.72 -0.79
C GLU B 134 -14.54 -20.57 0.40
N PRO B 135 -14.11 -20.81 1.65
CA PRO B 135 -15.05 -20.73 2.77
C PRO B 135 -15.51 -19.32 3.11
N LEU B 136 -15.04 -18.27 2.44
CA LEU B 136 -15.59 -16.94 2.78
C LEU B 136 -16.83 -16.68 1.93
N GLN B 137 -16.75 -16.94 0.63
CA GLN B 137 -17.88 -16.72 -0.31
C GLN B 137 -19.05 -17.57 0.16
N ALA B 138 -18.74 -18.55 1.02
CA ALA B 138 -19.78 -19.42 1.61
C ALA B 138 -19.99 -18.96 3.06
N ALA B 139 -18.97 -18.35 3.67
CA ALA B 139 -19.18 -17.78 5.02
C ALA B 139 -20.26 -16.72 4.86
N ALA B 140 -20.43 -16.19 3.65
CA ALA B 140 -21.50 -15.20 3.38
C ALA B 140 -22.85 -15.84 3.70
N SER B 141 -22.94 -17.17 3.68
CA SER B 141 -24.19 -17.86 4.04
C SER B 141 -24.34 -17.87 5.56
N ALA B 142 -25.39 -18.53 6.08
CA ALA B 142 -25.64 -18.56 7.54
C ALA B 142 -25.61 -17.12 8.08
N LEU B 143 -24.42 -16.61 8.40
CA LEU B 143 -24.29 -15.20 8.86
C LEU B 143 -24.91 -14.26 7.83
N GLY B 144 -24.12 -13.81 6.85
CA GLY B 144 -24.62 -12.87 5.83
C GLY B 144 -26.01 -13.26 5.34
N ALA B 145 -26.28 -14.57 5.25
CA ALA B 145 -27.60 -15.04 4.79
C ALA B 145 -28.75 -14.73 5.73
N ALA B 146 -28.71 -15.27 6.96
CA ALA B 146 -29.75 -14.97 7.96
C ALA B 146 -29.65 -13.49 8.28
N VAL B 147 -28.47 -12.89 8.10
CA VAL B 147 -28.44 -11.45 8.31
C VAL B 147 -29.70 -10.83 7.73
N ARG B 148 -30.11 -11.27 6.54
CA ARG B 148 -31.31 -10.77 5.88
C ARG B 148 -32.55 -11.54 6.32
N LEU B 149 -32.41 -12.85 6.54
CA LEU B 149 -33.54 -13.68 6.94
C LEU B 149 -34.13 -13.25 8.27
N HIS B 150 -33.27 -13.02 9.27
CA HIS B 150 -33.65 -12.51 10.57
C HIS B 150 -34.56 -11.30 10.41
N LEU B 151 -34.21 -10.40 9.50
CA LEU B 151 -34.99 -9.20 9.26
C LEU B 151 -36.31 -9.52 8.59
N GLU B 152 -36.28 -10.29 7.50
CA GLU B 152 -37.48 -10.50 6.70
C GLU B 152 -38.53 -11.29 7.47
N LEU B 153 -38.11 -12.18 8.37
CA LEU B 153 -39.06 -12.82 9.27
C LEU B 153 -39.28 -12.01 10.55
N GLY B 154 -38.23 -11.36 11.05
CA GLY B 154 -38.34 -10.42 12.15
C GLY B 154 -37.71 -10.91 13.44
N GLN B 155 -36.44 -10.52 13.66
CA GLN B 155 -35.78 -10.56 14.96
C GLN B 155 -34.77 -9.43 15.07
N PRO B 156 -35.14 -8.17 14.75
CA PRO B 156 -34.11 -7.12 14.62
C PRO B 156 -33.27 -6.91 15.87
N ALA B 157 -33.83 -7.23 17.03
CA ALA B 157 -33.15 -7.06 18.31
C ALA B 157 -31.79 -7.74 18.34
N ALA B 158 -31.78 -9.07 18.17
CA ALA B 158 -30.54 -9.81 18.25
C ALA B 158 -29.97 -10.11 16.86
N ALA B 159 -30.77 -9.88 15.81
CA ALA B 159 -30.38 -10.16 14.44
C ALA B 159 -28.99 -9.64 14.11
N ALA B 160 -28.66 -8.46 14.61
CA ALA B 160 -27.39 -7.82 14.29
C ALA B 160 -26.23 -8.50 15.00
N ALA B 161 -26.51 -9.38 15.98
CA ALA B 161 -25.43 -10.05 16.68
C ALA B 161 -24.70 -11.03 15.75
N LEU B 162 -25.46 -11.70 14.89
CA LEU B 162 -24.91 -12.57 13.86
C LEU B 162 -23.94 -11.78 12.99
N CYS B 163 -24.35 -10.57 12.60
CA CYS B 163 -23.47 -9.72 11.81
C CYS B 163 -22.30 -9.18 12.61
N LEU B 164 -22.44 -8.94 13.90
CA LEU B 164 -21.30 -8.56 14.72
C LEU B 164 -20.26 -9.67 14.80
N GLU B 165 -20.69 -10.93 14.83
CA GLU B 165 -19.75 -12.05 14.73
C GLU B 165 -19.14 -12.19 13.34
N LEU B 166 -19.95 -12.09 12.29
CA LEU B 166 -19.45 -12.21 10.93
C LEU B 166 -18.49 -11.09 10.57
N ALA B 167 -18.73 -9.87 11.04
CA ALA B 167 -17.84 -8.74 10.79
C ALA B 167 -16.53 -8.89 11.53
N ALA B 168 -16.58 -9.34 12.79
CA ALA B 168 -15.34 -9.59 13.51
C ALA B 168 -14.53 -10.68 12.82
N ALA B 169 -15.21 -11.70 12.31
CA ALA B 169 -14.52 -12.74 11.55
C ALA B 169 -13.87 -12.14 10.31
N LEU B 170 -14.63 -11.35 9.54
CA LEU B 170 -14.09 -10.73 8.34
C LEU B 170 -12.88 -9.86 8.65
N ARG B 171 -12.90 -9.15 9.77
CA ARG B 171 -11.74 -8.35 10.13
C ARG B 171 -10.56 -9.23 10.51
N ASP B 172 -10.83 -10.35 11.17
CA ASP B 172 -9.75 -11.27 11.52
C ASP B 172 -9.06 -11.80 10.27
N LEU B 173 -9.84 -12.16 9.25
CA LEU B 173 -9.27 -12.73 8.03
C LEU B 173 -8.48 -11.73 7.22
N GLY B 174 -8.61 -10.44 7.48
CA GLY B 174 -7.93 -9.44 6.70
C GLY B 174 -8.80 -8.70 5.72
N GLN B 175 -10.11 -8.66 5.94
CA GLN B 175 -11.01 -7.86 5.13
C GLN B 175 -11.54 -6.71 5.96
N PRO B 176 -10.78 -5.63 6.11
CA PRO B 176 -11.21 -4.57 7.02
C PRO B 176 -12.40 -3.77 6.50
N ALA B 177 -12.46 -3.52 5.20
CA ALA B 177 -13.49 -2.64 4.66
C ALA B 177 -14.86 -3.27 4.74
N ALA B 178 -14.98 -4.54 4.32
CA ALA B 178 -16.27 -5.22 4.43
C ALA B 178 -16.66 -5.45 5.88
N ALA B 179 -15.67 -5.71 6.75
CA ALA B 179 -15.96 -5.80 8.17
C ALA B 179 -16.53 -4.49 8.69
N ALA B 180 -15.97 -3.36 8.25
CA ALA B 180 -16.49 -2.06 8.64
C ALA B 180 -17.91 -1.88 8.14
N GLY B 181 -18.18 -2.29 6.90
CA GLY B 181 -19.53 -2.19 6.39
C GLY B 181 -20.52 -2.98 7.23
N HIS B 182 -20.17 -4.21 7.58
CA HIS B 182 -21.06 -5.03 8.38
C HIS B 182 -21.23 -4.46 9.78
N PHE B 183 -20.15 -3.91 10.33
CA PHE B 183 -20.21 -3.28 11.65
C PHE B 183 -21.17 -2.11 11.64
N GLN B 184 -21.06 -1.24 10.63
CA GLN B 184 -21.97 -0.11 10.53
C GLN B 184 -23.40 -0.56 10.36
N ARG B 185 -23.63 -1.60 9.57
CA ARG B 185 -24.99 -2.12 9.42
C ARG B 185 -25.53 -2.62 10.75
N ALA B 186 -24.69 -3.30 11.53
CA ALA B 186 -25.12 -3.75 12.86
C ALA B 186 -25.47 -2.56 13.74
N ALA B 187 -24.62 -1.54 13.75
CA ALA B 187 -24.89 -0.33 14.51
C ALA B 187 -26.23 0.27 14.09
N GLN B 188 -26.48 0.35 12.79
CA GLN B 188 -27.75 0.87 12.31
C GLN B 188 -28.91 0.01 12.79
N LEU B 189 -28.71 -1.31 12.83
CA LEU B 189 -29.80 -2.21 13.19
C LEU B 189 -30.16 -2.09 14.67
N GLN B 190 -29.17 -1.91 15.54
CA GLN B 190 -29.44 -1.87 16.97
C GLN B 190 -29.69 -0.46 17.50
N LEU B 191 -29.69 0.56 16.63
CA LEU B 191 -29.51 1.93 17.14
C LEU B 191 -30.72 2.43 17.93
N PRO B 192 -31.91 2.63 17.34
CA PRO B 192 -32.95 3.30 18.11
C PRO B 192 -33.65 2.38 19.10
N GLN B 193 -32.90 1.50 19.74
CA GLN B 193 -33.32 0.83 20.96
C GLN B 193 -32.23 0.70 22.01
N LEU B 194 -30.95 0.72 21.61
CA LEU B 194 -29.84 0.49 22.54
C LEU B 194 -28.69 1.37 22.11
N PRO B 195 -28.35 2.39 22.90
CA PRO B 195 -27.26 3.30 22.51
C PRO B 195 -25.88 2.65 22.62
N LEU B 196 -25.64 1.95 23.73
CA LEU B 196 -24.29 1.46 24.01
C LEU B 196 -23.87 0.38 23.00
N ALA B 197 -24.79 -0.50 22.64
CA ALA B 197 -24.46 -1.55 21.69
C ALA B 197 -24.01 -0.96 20.36
N ALA B 198 -24.85 -0.09 19.79
CA ALA B 198 -24.51 0.49 18.50
C ALA B 198 -23.32 1.42 18.60
N LEU B 199 -23.06 2.01 19.77
CA LEU B 199 -21.88 2.84 19.91
C LEU B 199 -20.61 2.00 19.92
N GLN B 200 -20.63 0.85 20.59
CA GLN B 200 -19.51 -0.08 20.49
C GLN B 200 -19.32 -0.55 19.05
N ALA B 201 -20.43 -0.83 18.36
CA ALA B 201 -20.36 -1.26 16.97
C ALA B 201 -19.72 -0.19 16.09
N LEU B 202 -20.14 1.06 16.29
CA LEU B 202 -19.58 2.15 15.50
C LEU B 202 -18.10 2.37 15.81
N GLY B 203 -17.71 2.20 17.07
CA GLY B 203 -16.30 2.27 17.39
C GLY B 203 -15.51 1.20 16.67
N GLU B 204 -16.02 -0.02 16.63
CA GLU B 204 -15.35 -1.08 15.90
C GLU B 204 -15.29 -0.78 14.41
N ALA B 205 -16.37 -0.21 13.86
CA ALA B 205 -16.40 0.13 12.45
C ALA B 205 -15.37 1.21 12.12
N ALA B 206 -15.22 2.20 12.99
CA ALA B 206 -14.21 3.23 12.78
C ALA B 206 -12.81 2.62 12.87
N SER B 207 -12.61 1.67 13.79
CA SER B 207 -11.33 0.99 13.85
C SER B 207 -11.02 0.26 12.55
N CYS B 208 -11.97 -0.52 12.05
CA CYS B 208 -11.77 -1.24 10.80
C CYS B 208 -11.50 -0.29 9.65
N GLN B 209 -12.24 0.82 9.60
CA GLN B 209 -12.03 1.76 8.51
C GLN B 209 -10.67 2.43 8.59
N LEU B 210 -10.13 2.60 9.79
CA LEU B 210 -8.75 3.06 9.89
C LEU B 210 -7.77 1.97 9.49
N LEU B 211 -8.14 0.70 9.65
CA LEU B 211 -7.29 -0.38 9.14
C LEU B 211 -7.26 -0.37 7.61
N ALA B 212 -8.37 0.00 6.98
CA ALA B 212 -8.47 0.05 5.53
C ALA B 212 -7.84 1.31 4.94
N ARG B 213 -7.23 2.16 5.76
CA ARG B 213 -6.67 3.43 5.32
C ARG B 213 -7.74 4.29 4.62
N ASP B 214 -8.93 4.32 5.23
CA ASP B 214 -10.06 5.08 4.71
C ASP B 214 -10.39 6.13 5.77
N TYR B 215 -9.69 7.26 5.69
CA TYR B 215 -9.73 8.22 6.78
C TYR B 215 -10.96 9.10 6.72
N THR B 216 -11.35 9.55 5.53
CA THR B 216 -12.54 10.38 5.42
C THR B 216 -13.82 9.61 5.66
N GLY B 217 -13.75 8.28 5.75
CA GLY B 217 -14.92 7.49 6.08
C GLY B 217 -14.91 7.12 7.55
N ALA B 218 -13.72 7.06 8.14
CA ALA B 218 -13.60 6.87 9.57
C ALA B 218 -14.01 8.12 10.32
N LEU B 219 -13.66 9.29 9.79
CA LEU B 219 -14.03 10.55 10.40
C LEU B 219 -15.53 10.73 10.32
N ALA B 220 -16.16 10.24 9.26
CA ALA B 220 -17.60 10.30 9.12
C ALA B 220 -18.33 9.36 10.07
N VAL B 221 -17.63 8.39 10.65
CA VAL B 221 -18.20 7.55 11.70
C VAL B 221 -17.90 8.12 13.09
N PHE B 222 -16.72 8.70 13.28
CA PHE B 222 -16.41 9.36 14.54
C PHE B 222 -17.35 10.54 14.77
N THR B 223 -17.64 11.31 13.72
CA THR B 223 -18.59 12.40 13.83
C THR B 223 -19.99 11.90 14.14
N ARG B 224 -20.35 10.73 13.64
CA ARG B 224 -21.65 10.16 13.97
C ARG B 224 -21.73 9.67 15.39
N MET B 225 -20.71 8.98 15.90
CA MET B 225 -20.64 8.64 17.30
C MET B 225 -20.73 9.89 18.16
N GLN B 226 -19.73 10.78 18.06
CA GLN B 226 -19.66 11.99 18.86
C GLN B 226 -20.98 12.75 18.90
N ARG B 227 -21.74 12.72 17.81
CA ARG B 227 -23.01 13.42 17.74
C ARG B 227 -24.18 12.56 18.16
N LEU B 228 -24.00 11.25 18.31
CA LEU B 228 -25.04 10.44 18.93
C LEU B 228 -24.89 10.33 20.44
N ALA B 229 -23.65 10.26 20.92
CA ALA B 229 -23.34 10.23 22.33
C ALA B 229 -23.95 11.43 23.05
N ARG B 230 -23.79 12.62 22.47
CA ARG B 230 -24.37 13.83 23.04
C ARG B 230 -25.88 13.74 23.08
N GLU B 231 -26.52 13.57 21.92
CA GLU B 231 -27.97 13.60 21.84
C GLU B 231 -28.60 12.36 22.47
N HIS B 232 -27.78 11.47 23.01
CA HIS B 232 -28.29 10.36 23.82
C HIS B 232 -27.62 10.29 25.19
N GLY B 233 -26.83 11.30 25.56
CA GLY B 233 -26.25 11.35 26.88
C GLY B 233 -27.13 12.12 27.84
N SER B 234 -28.45 11.87 27.76
CA SER B 234 -29.42 12.58 28.58
C SER B 234 -30.33 11.61 29.31
N LEU B 277 -23.78 8.93 31.44
CA LEU B 277 -23.88 7.62 32.08
C LEU B 277 -22.55 7.24 32.72
N GLY B 278 -21.47 7.33 31.94
CA GLY B 278 -20.16 6.93 32.39
C GLY B 278 -19.35 6.28 31.30
N ALA B 279 -20.03 5.79 30.27
CA ALA B 279 -19.37 5.34 29.06
C ALA B 279 -19.57 6.30 27.89
N PHE B 280 -20.65 7.07 27.90
CA PHE B 280 -20.83 8.14 26.94
C PHE B 280 -19.68 9.12 27.08
N SER B 281 -19.30 9.43 28.31
CA SER B 281 -18.06 10.19 28.50
C SER B 281 -16.87 9.25 28.61
N ASP B 282 -16.87 8.29 27.71
CA ASP B 282 -15.67 7.55 27.35
C ASP B 282 -15.64 7.35 25.84
N VAL B 283 -16.76 7.52 25.17
CA VAL B 283 -16.77 7.62 23.71
C VAL B 283 -16.59 9.07 23.28
N LEU B 284 -17.07 10.04 24.07
CA LEU B 284 -16.86 11.44 23.74
C LEU B 284 -15.43 11.89 23.99
N VAL B 285 -14.63 11.09 24.68
CA VAL B 285 -13.23 11.38 24.90
C VAL B 285 -12.33 10.71 23.88
N ARG B 286 -12.79 9.61 23.27
CA ARG B 286 -12.10 9.01 22.14
C ARG B 286 -12.49 9.64 20.82
N CYS B 287 -13.77 9.95 20.62
CA CYS B 287 -14.22 10.53 19.36
C CYS B 287 -13.66 11.93 19.16
N GLU B 288 -13.62 12.73 20.23
CA GLU B 288 -13.09 14.08 20.09
C GLU B 288 -11.62 14.04 19.70
N VAL B 289 -10.82 13.25 20.41
CA VAL B 289 -9.40 13.17 20.10
C VAL B 289 -9.18 12.57 18.72
N SER B 290 -10.00 11.58 18.42
CA SER B 290 -9.83 10.94 17.10
C SER B 290 -10.09 12.00 16.06
N ARG B 291 -11.29 12.57 16.11
CA ARG B 291 -11.70 13.52 15.10
C ARG B 291 -10.69 14.63 14.92
N VAL B 292 -10.14 15.15 16.02
CA VAL B 292 -9.16 16.20 15.90
C VAL B 292 -7.91 15.68 15.19
N LEU B 293 -7.46 14.48 15.54
CA LEU B 293 -6.30 13.93 14.85
C LEU B 293 -6.59 13.63 13.39
N LEU B 294 -7.83 13.25 13.06
CA LEU B 294 -8.16 12.98 11.67
C LEU B 294 -8.25 14.27 10.86
N LEU B 295 -8.81 15.33 11.45
CA LEU B 295 -8.87 16.60 10.75
C LEU B 295 -7.50 17.24 10.64
N LEU B 296 -6.58 16.90 11.54
CA LEU B 296 -5.21 17.37 11.40
C LEU B 296 -4.44 16.54 10.38
N LEU B 297 -4.82 15.28 10.21
CA LEU B 297 -4.18 14.43 9.21
C LEU B 297 -4.64 14.76 7.81
N LEU B 298 -5.95 14.86 7.61
CA LEU B 298 -6.51 15.16 6.29
C LEU B 298 -6.19 16.59 5.87
N GLN B 299 -6.49 17.56 6.74
CA GLN B 299 -6.39 18.99 6.47
C GLN B 299 -7.33 19.40 5.35
N PRO B 300 -8.64 19.32 5.53
CA PRO B 300 -9.55 19.72 4.47
C PRO B 300 -9.49 21.22 4.26
N PRO B 301 -9.70 21.70 3.04
CA PRO B 301 -9.68 23.13 2.78
C PRO B 301 -10.95 23.77 3.30
N PRO B 302 -10.93 25.09 3.52
CA PRO B 302 -12.12 25.75 4.11
C PRO B 302 -13.39 25.57 3.30
N ALA B 303 -13.31 25.24 2.02
CA ALA B 303 -14.51 25.07 1.22
C ALA B 303 -15.32 23.87 1.68
N LYS B 304 -14.72 22.68 1.61
CA LYS B 304 -15.41 21.44 1.99
C LYS B 304 -15.03 21.09 3.42
N LEU B 305 -15.56 21.89 4.35
CA LEU B 305 -15.33 21.69 5.78
C LEU B 305 -16.63 21.98 6.49
N LEU B 306 -17.30 20.93 6.95
CA LEU B 306 -18.61 21.05 7.55
C LEU B 306 -18.62 22.04 8.72
N PRO B 307 -19.79 22.51 9.14
CA PRO B 307 -19.84 23.32 10.36
C PRO B 307 -19.36 22.56 11.59
N GLU B 308 -19.63 21.25 11.67
CA GLU B 308 -19.23 20.47 12.83
C GLU B 308 -17.72 20.48 13.01
N HIS B 309 -17.00 20.08 11.97
CA HIS B 309 -15.54 20.06 12.02
C HIS B 309 -14.97 21.45 12.21
N ALA B 310 -15.62 22.48 11.68
CA ALA B 310 -15.17 23.84 11.90
C ALA B 310 -15.25 24.22 13.37
N GLN B 311 -16.39 23.95 13.99
CA GLN B 311 -16.57 24.19 15.42
C GLN B 311 -15.49 23.47 16.22
N THR B 312 -15.26 22.20 15.90
CA THR B 312 -14.28 21.41 16.64
C THR B 312 -12.87 21.97 16.50
N LEU B 313 -12.42 22.22 15.27
CA LEU B 313 -11.06 22.70 15.08
C LEU B 313 -10.91 24.14 15.57
N GLU B 314 -12.03 24.83 15.76
CA GLU B 314 -12.04 26.17 16.35
C GLU B 314 -11.88 26.12 17.87
N LYS B 315 -12.48 25.12 18.50
CA LYS B 315 -12.41 24.95 19.95
C LYS B 315 -10.97 24.90 20.48
N TYR B 316 -10.00 24.62 19.62
CA TYR B 316 -8.64 24.33 20.09
C TYR B 316 -7.62 25.33 19.60
N SER B 317 -7.93 26.62 19.69
CA SER B 317 -6.96 27.67 19.45
C SER B 317 -7.11 28.73 20.53
N TRP B 318 -6.00 29.43 20.83
CA TRP B 318 -5.95 30.33 21.98
C TRP B 318 -7.03 31.41 21.94
N GLU B 319 -7.68 31.61 20.79
CA GLU B 319 -8.87 32.44 20.78
C GLU B 319 -9.96 31.83 21.67
N ALA B 320 -9.93 30.52 21.86
CA ALA B 320 -10.74 29.83 22.84
C ALA B 320 -9.82 29.36 23.97
N PHE B 321 -10.40 29.17 25.15
CA PHE B 321 -9.60 28.78 26.33
C PHE B 321 -8.91 27.44 26.13
N SER B 328 -14.86 24.35 29.09
CA SER B 328 -13.94 24.40 27.95
C SER B 328 -13.54 22.99 27.53
N SER B 329 -13.12 22.19 28.51
CA SER B 329 -12.60 20.85 28.23
C SER B 329 -13.67 19.90 27.74
N GLY B 330 -14.95 20.23 27.90
CA GLY B 330 -16.00 19.31 27.49
C GLY B 330 -15.98 18.08 28.36
N GLN B 331 -15.51 16.98 27.78
CA GLN B 331 -15.33 15.74 28.52
C GLN B 331 -13.86 15.35 28.67
N LEU B 332 -12.94 16.14 28.14
CA LEU B 332 -11.57 15.67 28.14
C LEU B 332 -10.88 15.99 29.46
N PRO B 333 -9.86 15.22 29.83
CA PRO B 333 -9.00 15.63 30.94
C PRO B 333 -8.15 16.83 30.55
N GLU B 334 -7.80 17.61 31.57
CA GLU B 334 -7.16 18.91 31.32
C GLU B 334 -5.84 18.75 30.57
N GLU B 335 -5.01 17.79 30.99
CA GLU B 335 -3.70 17.64 30.35
C GLU B 335 -3.85 17.19 28.90
N LEU B 336 -4.80 16.29 28.63
CA LEU B 336 -5.02 15.86 27.25
C LEU B 336 -5.54 17.02 26.41
N PHE B 337 -6.40 17.87 26.98
CA PHE B 337 -6.89 19.02 26.23
C PHE B 337 -5.75 19.99 25.92
N LEU B 338 -4.86 20.22 26.88
CA LEU B 338 -3.74 21.12 26.63
C LEU B 338 -2.82 20.56 25.56
N LEU B 339 -2.60 19.24 25.57
CA LEU B 339 -1.80 18.63 24.53
C LEU B 339 -2.47 18.74 23.17
N LEU B 340 -3.77 18.48 23.11
CA LEU B 340 -4.50 18.60 21.85
C LEU B 340 -4.47 20.02 21.32
N GLN B 341 -4.65 21.00 22.21
CA GLN B 341 -4.62 22.39 21.77
C GLN B 341 -3.24 22.78 21.27
N SER B 342 -2.20 22.39 21.99
CA SER B 342 -0.86 22.67 21.52
C SER B 342 -0.57 21.99 20.19
N LEU B 343 -1.14 20.80 19.97
CA LEU B 343 -0.90 20.09 18.72
C LEU B 343 -1.63 20.76 17.57
N VAL B 344 -2.89 21.13 17.77
CA VAL B 344 -3.62 21.87 16.74
C VAL B 344 -2.89 23.15 16.39
N MET B 345 -2.51 23.92 17.41
CA MET B 345 -1.84 25.20 17.15
C MET B 345 -0.48 25.02 16.50
N ALA B 346 0.23 23.94 16.81
CA ALA B 346 1.54 23.75 16.21
C ALA B 346 1.45 23.24 14.79
N THR B 347 0.45 22.40 14.48
CA THR B 347 0.31 21.92 13.12
C THR B 347 -0.23 23.01 12.20
N HIS B 348 -1.20 23.80 12.67
CA HIS B 348 -1.72 24.89 11.84
C HIS B 348 -0.68 25.97 11.59
N GLU B 349 0.39 26.00 12.38
CA GLU B 349 1.44 27.00 12.21
C GLU B 349 2.72 26.38 11.65
N LYS B 350 2.63 25.19 11.07
CA LYS B 350 3.75 24.53 10.39
C LYS B 350 4.98 24.47 11.30
N ASP B 351 4.80 23.82 12.45
CA ASP B 351 5.85 23.67 13.45
C ASP B 351 6.13 22.19 13.60
N THR B 352 7.35 21.78 13.30
CA THR B 352 7.68 20.35 13.33
C THR B 352 8.12 19.91 14.72
N GLU B 353 9.09 20.62 15.31
CA GLU B 353 9.65 20.20 16.59
C GLU B 353 8.60 20.18 17.69
N ALA B 354 7.64 21.11 17.63
CA ALA B 354 6.56 21.10 18.60
C ALA B 354 5.72 19.83 18.46
N ILE B 355 5.41 19.43 17.23
CA ILE B 355 4.64 18.21 17.04
C ILE B 355 5.44 16.98 17.44
N LYS B 356 6.75 16.99 17.23
CA LYS B 356 7.56 15.85 17.65
C LYS B 356 7.56 15.71 19.17
N SER B 357 7.82 16.80 19.88
CA SER B 357 7.74 16.77 21.33
C SER B 357 6.36 16.35 21.79
N LEU B 358 5.32 16.80 21.09
CA LEU B 358 3.96 16.46 21.50
C LEU B 358 3.66 14.99 21.25
N GLN B 359 4.22 14.43 20.17
CA GLN B 359 4.03 12.98 19.91
C GLN B 359 4.68 12.19 21.06
N VAL B 360 5.94 12.53 21.40
CA VAL B 360 6.66 11.82 22.45
C VAL B 360 5.96 11.97 23.79
N GLU B 361 5.37 13.14 24.05
CA GLU B 361 4.72 13.37 25.33
C GLU B 361 3.33 12.73 25.40
N MET B 362 2.62 12.70 24.28
CA MET B 362 1.25 12.20 24.24
C MET B 362 1.16 10.69 24.12
N TRP B 363 2.22 10.02 23.67
CA TRP B 363 2.15 8.57 23.50
C TRP B 363 1.55 7.83 24.70
N PRO B 364 1.86 8.16 25.96
CA PRO B 364 1.23 7.43 27.07
C PRO B 364 -0.25 7.70 27.23
N LEU B 365 -0.76 8.84 26.76
CA LEU B 365 -2.14 9.21 27.02
C LEU B 365 -3.10 8.77 25.94
N LEU B 366 -2.61 8.41 24.77
CA LEU B 366 -3.46 8.01 23.66
C LEU B 366 -3.49 6.49 23.54
N THR B 367 -4.56 5.99 22.96
CA THR B 367 -4.70 4.56 22.73
C THR B 367 -3.81 4.17 21.54
N ALA B 368 -3.95 2.93 21.08
CA ALA B 368 -3.15 2.48 19.96
C ALA B 368 -3.64 3.07 18.65
N GLU B 369 -4.97 3.13 18.48
CA GLU B 369 -5.54 3.75 17.29
C GLU B 369 -5.13 5.21 17.18
N GLN B 370 -5.30 5.96 18.27
CA GLN B 370 -4.99 7.38 18.23
C GLN B 370 -3.49 7.63 18.18
N ASN B 371 -2.67 6.71 18.68
CA ASN B 371 -1.24 6.85 18.49
C ASN B 371 -0.86 6.62 17.04
N HIS B 372 -1.54 5.68 16.39
CA HIS B 372 -1.41 5.55 14.95
C HIS B 372 -1.74 6.86 14.25
N LEU B 373 -2.86 7.46 14.61
CA LEU B 373 -3.30 8.69 13.95
C LEU B 373 -2.34 9.84 14.21
N LEU B 374 -1.81 9.94 15.43
CA LEU B 374 -0.86 11.01 15.72
C LEU B 374 0.45 10.80 14.98
N HIS B 375 0.90 9.56 14.86
CA HIS B 375 2.05 9.28 14.00
C HIS B 375 1.75 9.65 12.56
N LEU B 376 0.51 9.42 12.12
CA LEU B 376 0.16 9.77 10.74
C LEU B 376 0.18 11.26 10.53
N VAL B 377 -0.33 12.02 11.50
CA VAL B 377 -0.26 13.49 11.43
C VAL B 377 1.19 13.93 11.34
N LEU B 378 2.04 13.38 12.20
CA LEU B 378 3.45 13.77 12.19
C LEU B 378 4.12 13.41 10.87
N GLN B 379 3.78 12.25 10.32
CA GLN B 379 4.42 11.82 9.08
C GLN B 379 3.96 12.66 7.90
N GLU B 380 2.64 12.86 7.78
CA GLU B 380 2.11 13.73 6.73
C GLU B 380 2.69 15.14 6.84
N THR B 381 2.95 15.62 8.05
CA THR B 381 3.60 16.91 8.20
C THR B 381 5.02 16.87 7.66
N ILE B 382 5.79 15.84 8.05
CA ILE B 382 7.20 15.80 7.67
C ILE B 382 7.35 15.47 6.19
N SER B 383 6.71 14.40 5.72
CA SER B 383 6.80 13.98 4.33
C SER B 383 5.40 13.85 3.75
N PRO B 384 4.91 14.87 3.05
CA PRO B 384 3.53 14.84 2.58
C PRO B 384 3.31 13.81 1.50
N SER B 385 2.09 13.27 1.46
CA SER B 385 1.74 12.19 0.56
C SER B 385 1.11 12.75 -0.71
N GLY B 386 1.80 12.59 -1.82
CA GLY B 386 1.29 13.05 -3.10
C GLY B 386 2.36 13.60 -4.01
N GLN B 387 3.51 13.95 -3.44
CA GLN B 387 4.59 14.52 -4.23
C GLN B 387 5.21 13.52 -5.20
N GLY B 388 4.94 12.22 -5.03
CA GLY B 388 5.53 11.21 -5.86
C GLY B 388 6.93 10.80 -5.44
N VAL B 389 7.56 11.56 -4.54
CA VAL B 389 8.86 11.19 -4.01
C VAL B 389 8.78 11.16 -2.49
#